data_1PXE
#
_entry.id   1PXE
#
loop_
_entity.id
_entity.type
_entity.pdbx_description
1 polymer 'neural zinc finger transcription factor 1'
2 non-polymer 'ZINC ION'
#
_entity_poly.entity_id   1
_entity_poly.type   'polypeptide(L)'
_entity_poly.pdbx_seq_one_letter_code
;MHVKKPYYDPSRTEKRESKCPTPGCDGTGHVTGLYPHHRSLSGCPHKDRVPPEILAMHENVLK
;
_entity_poly.pdbx_strand_id   A
#
loop_
_chem_comp.id
_chem_comp.type
_chem_comp.name
_chem_comp.formula
ZN non-polymer 'ZINC ION' 'Zn 2'
#
# COMPACT_ATOMS: atom_id res chain seq x y z
N ARG A 16 -13.51 -0.94 3.98
CA ARG A 16 -13.36 -1.85 4.00
C ARG A 16 -12.68 -2.69 3.67
N GLU A 17 -12.23 -3.28 3.71
CA GLU A 17 -11.56 -4.11 3.40
C GLU A 17 -10.46 -4.43 3.27
N SER A 18 -9.58 -4.70 3.00
CA SER A 18 -8.49 -5.01 2.86
C SER A 18 -7.78 -4.48 2.80
N LYS A 19 -7.15 -4.31 2.79
CA LYS A 19 -6.46 -3.80 2.73
C LYS A 19 -5.22 -3.94 1.89
N CYS A 20 -4.34 -3.09 2.02
CA CYS A 20 -3.10 -3.09 1.27
C CYS A 20 -2.05 -3.91 1.90
N PRO A 21 -2.03 -4.15 2.87
CA PRO A 21 -1.04 -4.92 3.51
C PRO A 21 -0.66 -6.16 3.04
N THR A 22 0.09 -6.12 2.17
CA THR A 22 0.51 -7.25 1.63
C THR A 22 1.74 -7.78 2.21
N PRO A 23 2.12 -8.98 1.92
CA PRO A 23 3.30 -9.57 2.43
C PRO A 23 4.44 -8.68 2.39
N GLY A 24 4.43 -7.78 1.63
CA GLY A 24 5.44 -6.89 1.52
C GLY A 24 5.14 -5.53 2.09
N CYS A 25 4.18 -4.90 1.75
CA CYS A 25 3.83 -3.58 2.25
C CYS A 25 3.73 -3.59 3.76
N ASP A 26 3.92 -2.42 4.36
CA ASP A 26 3.87 -2.31 5.80
C ASP A 26 2.55 -1.71 6.26
N GLY A 27 2.08 -0.72 5.53
CA GLY A 27 0.84 -0.08 5.88
C GLY A 27 1.05 1.02 6.88
N THR A 28 2.01 1.84 6.60
CA THR A 28 2.36 2.95 7.45
C THR A 28 3.03 4.05 6.65
N GLY A 29 2.54 5.10 6.48
CA GLY A 29 3.10 6.20 5.74
C GLY A 29 2.32 6.54 4.50
N HIS A 30 1.09 6.29 4.48
CA HIS A 30 0.19 6.58 3.36
C HIS A 30 0.93 6.96 2.09
N VAL A 31 0.21 7.48 1.12
CA VAL A 31 0.80 7.87 -0.16
C VAL A 31 1.89 8.93 -0.03
N THR A 32 1.78 9.82 0.94
CA THR A 32 2.78 10.85 1.11
C THR A 32 3.34 10.85 2.53
N GLY A 33 2.98 9.84 3.30
CA GLY A 33 3.45 9.77 4.66
C GLY A 33 2.90 10.88 5.49
N LEU A 34 1.86 11.53 4.97
CA LEU A 34 1.23 12.63 5.66
C LEU A 34 -0.05 12.17 6.28
N TYR A 35 -0.32 10.88 6.17
CA TYR A 35 -1.52 10.32 6.74
C TYR A 35 -1.14 9.33 7.82
N PRO A 36 -2.06 9.00 8.72
CA PRO A 36 -1.80 8.04 9.77
C PRO A 36 -1.73 6.62 9.23
N HIS A 37 -0.99 6.44 8.11
CA HIS A 37 -0.86 5.16 7.46
C HIS A 37 -1.96 5.01 6.45
N HIS A 38 -2.00 3.87 5.81
CA HIS A 38 -3.04 3.60 4.82
C HIS A 38 -3.62 2.22 5.05
N ARG A 39 -3.83 1.71 5.19
CA ARG A 39 -4.39 0.40 5.44
C ARG A 39 -5.14 -0.18 4.45
N SER A 40 -5.12 0.42 3.28
CA SER A 40 -5.82 -0.08 2.28
C SER A 40 -5.66 0.53 0.93
N LEU A 41 -4.55 1.06 0.59
CA LEU A 41 -4.32 1.64 -0.68
C LEU A 41 -4.66 3.04 -0.81
N SER A 42 -5.44 3.55 -0.51
CA SER A 42 -5.82 4.89 -0.60
C SER A 42 -4.64 5.80 -0.48
N GLY A 43 -3.64 5.37 0.13
CA GLY A 43 -2.45 6.12 0.30
C GLY A 43 -1.28 5.36 -0.23
N CYS A 44 -0.68 4.58 0.64
CA CYS A 44 0.48 3.74 0.28
C CYS A 44 1.52 4.56 -0.45
N PRO A 45 2.66 4.83 0.17
CA PRO A 45 3.72 5.61 -0.41
C PRO A 45 4.82 4.81 -1.06
N HIS A 46 4.59 3.67 -1.34
CA HIS A 46 5.60 2.83 -1.90
C HIS A 46 5.55 2.82 -3.41
N LYS A 47 4.69 2.00 -3.99
CA LYS A 47 4.56 1.93 -5.43
C LYS A 47 5.57 1.43 -6.11
N ASP A 48 5.88 0.19 -5.86
CA ASP A 48 6.82 -0.40 -6.48
C ASP A 48 6.64 -1.77 -6.96
N ARG A 49 5.66 -2.17 -6.87
CA ARG A 49 5.38 -3.47 -7.31
C ARG A 49 6.14 -4.54 -6.77
N VAL A 50 6.15 -5.14 -6.03
CA VAL A 50 6.81 -6.22 -5.46
C VAL A 50 6.90 -6.20 -4.05
N PRO A 51 7.54 -6.12 -3.66
CA PRO A 51 7.65 -6.10 -2.34
C PRO A 51 7.01 -5.25 -1.45
N PRO A 52 7.60 -4.86 -0.58
CA PRO A 52 7.07 -4.05 0.30
C PRO A 52 6.61 -2.72 -0.28
N GLU A 53 5.48 -2.70 -0.91
CA GLU A 53 4.98 -1.49 -1.48
C GLU A 53 3.46 -1.51 -1.54
N ILE A 54 2.92 -1.74 -2.71
CA ILE A 54 1.49 -1.76 -2.91
C ILE A 54 1.12 -2.97 -3.69
N LEU A 55 2.06 -3.81 -4.05
CA LEU A 55 1.84 -4.98 -4.83
C LEU A 55 0.57 -5.44 -4.91
N ALA A 56 0.11 -4.97 -4.31
CA ALA A 56 -1.09 -5.35 -4.32
C ALA A 56 -2.25 -5.05 -4.32
N MET A 57 -2.32 -4.40 -4.40
CA MET A 57 -3.39 -4.06 -4.42
C MET A 57 -3.95 -4.70 -5.27
N HIS A 58 -4.70 -4.84 -5.87
CA HIS A 58 -5.30 -5.45 -6.71
C HIS A 58 -5.27 -5.40 -7.83
N GLU A 59 -5.24 -5.20 -8.35
CA GLU A 59 -5.21 -5.12 -9.42
C GLU A 59 -4.11 -4.70 -9.78
N ASN A 60 -3.63 -4.25 -9.55
CA ASN A 60 -2.58 -3.83 -9.86
C ASN A 60 -1.43 -3.74 -9.31
N VAL A 61 -0.78 -4.12 -9.41
CA VAL A 61 0.33 -4.09 -8.92
C VAL A 61 1.05 -3.29 -9.40
N LEU A 62 1.88 -2.92 -8.63
CA LEU A 62 2.61 -2.15 -8.98
C LEU A 62 2.02 -1.20 -9.34
N LYS A 63 1.47 -0.88 -9.68
CA LYS A 63 0.88 0.02 -10.04
C LYS A 63 0.14 -0.12 -10.50
ZN ZN B . 0.49 -0.32 1.10
N ARG A 16 -12.64 -1.25 5.03
CA ARG A 16 -11.84 -2.43 5.36
C ARG A 16 -12.12 -3.62 4.42
N GLU A 17 -11.29 -3.77 3.41
CA GLU A 17 -11.45 -4.86 2.45
C GLU A 17 -10.11 -5.56 2.19
N SER A 18 -9.60 -6.22 3.23
CA SER A 18 -8.33 -6.95 3.16
C SER A 18 -7.13 -6.03 3.41
N LYS A 19 -7.36 -4.72 3.35
CA LYS A 19 -6.31 -3.74 3.57
C LYS A 19 -5.15 -3.94 2.60
N CYS A 20 -4.39 -2.86 2.39
CA CYS A 20 -3.25 -2.88 1.48
C CYS A 20 -2.05 -3.62 2.07
N PRO A 21 -1.81 -3.49 3.39
CA PRO A 21 -0.67 -4.15 4.03
C PRO A 21 -0.58 -5.62 3.65
N THR A 22 -0.16 -5.87 2.42
CA THR A 22 -0.04 -7.22 1.90
C THR A 22 1.25 -7.85 2.41
N PRO A 23 1.44 -9.16 2.13
CA PRO A 23 2.66 -9.87 2.55
C PRO A 23 3.90 -9.01 2.34
N GLY A 24 3.82 -8.12 1.35
CA GLY A 24 4.92 -7.23 1.06
C GLY A 24 4.76 -5.89 1.74
N CYS A 25 3.79 -5.08 1.28
CA CYS A 25 3.57 -3.76 1.87
C CYS A 25 3.44 -3.85 3.39
N ASP A 26 3.65 -2.72 4.08
CA ASP A 26 3.57 -2.69 5.52
C ASP A 26 2.34 -1.91 5.98
N GLY A 27 2.08 -0.79 5.30
CA GLY A 27 0.93 0.03 5.65
C GLY A 27 1.28 1.11 6.64
N THR A 28 2.18 1.97 6.23
CA THR A 28 2.62 3.07 7.05
C THR A 28 3.18 4.21 6.20
N GLY A 29 2.70 5.43 6.46
CA GLY A 29 3.16 6.59 5.72
C GLY A 29 2.33 6.88 4.49
N HIS A 30 1.09 6.39 4.46
CA HIS A 30 0.16 6.62 3.34
C HIS A 30 0.87 6.95 2.03
N VAL A 31 0.15 7.53 1.10
CA VAL A 31 0.72 7.90 -0.20
C VAL A 31 1.86 8.92 -0.09
N THR A 32 1.80 9.84 0.87
CA THR A 32 2.84 10.84 1.01
C THR A 32 3.28 10.99 2.45
N GLY A 33 3.03 9.96 3.26
CA GLY A 33 3.43 10.00 4.65
C GLY A 33 2.76 11.13 5.40
N LEU A 34 1.71 11.69 4.82
CA LEU A 34 0.99 12.78 5.45
C LEU A 34 -0.24 12.27 6.14
N TYR A 35 -0.39 10.95 6.13
CA TYR A 35 -1.54 10.32 6.75
C TYR A 35 -1.07 9.33 7.80
N PRO A 36 -1.92 9.00 8.78
CA PRO A 36 -1.55 8.04 9.81
C PRO A 36 -1.48 6.63 9.25
N HIS A 37 -0.80 6.49 8.10
CA HIS A 37 -0.68 5.22 7.42
C HIS A 37 -1.85 5.05 6.48
N HIS A 38 -1.88 3.94 5.80
CA HIS A 38 -2.97 3.63 4.89
C HIS A 38 -3.48 2.23 5.18
N ARG A 39 -4.64 2.16 5.83
CA ARG A 39 -5.23 0.89 6.22
C ARG A 39 -5.79 0.12 5.03
N SER A 40 -5.70 0.68 3.82
CA SER A 40 -6.21 -0.01 2.64
C SER A 40 -6.14 0.82 1.37
N LEU A 41 -4.94 1.23 0.95
CA LEU A 41 -4.80 2.00 -0.27
C LEU A 41 -5.20 3.43 -0.03
N SER A 42 -5.50 4.16 -1.11
CA SER A 42 -5.84 5.57 -0.99
C SER A 42 -4.64 6.35 -0.45
N GLY A 43 -3.56 5.62 -0.16
CA GLY A 43 -2.36 6.22 0.33
C GLY A 43 -1.16 5.44 -0.16
N CYS A 44 -0.66 4.56 0.71
CA CYS A 44 0.49 3.71 0.36
C CYS A 44 1.66 4.53 -0.17
N PRO A 45 2.74 4.71 0.64
CA PRO A 45 3.92 5.50 0.26
C PRO A 45 5.02 4.70 -0.42
N HIS A 46 4.66 3.71 -1.22
CA HIS A 46 5.68 2.90 -1.87
C HIS A 46 5.56 2.93 -3.40
N LYS A 47 4.83 1.98 -4.00
CA LYS A 47 4.68 1.93 -5.45
C LYS A 47 5.94 1.41 -6.13
N ASP A 48 6.23 0.13 -5.90
CA ASP A 48 7.42 -0.49 -6.51
C ASP A 48 7.21 -1.98 -6.72
N ARG A 49 5.95 -2.40 -6.71
CA ARG A 49 5.59 -3.80 -6.92
C ARG A 49 6.37 -4.76 -6.02
N VAL A 50 6.12 -6.05 -6.20
CA VAL A 50 6.75 -7.13 -5.43
C VAL A 50 7.21 -6.68 -4.03
N PRO A 51 8.43 -6.09 -3.84
CA PRO A 51 8.86 -5.67 -2.52
C PRO A 51 7.77 -4.91 -1.76
N PRO A 52 7.95 -4.67 -0.45
CA PRO A 52 6.95 -3.96 0.35
C PRO A 52 6.51 -2.65 -0.29
N GLU A 53 5.39 -2.68 -1.01
CA GLU A 53 4.90 -1.50 -1.67
C GLU A 53 3.39 -1.53 -1.90
N ILE A 54 2.99 -1.81 -3.13
CA ILE A 54 1.58 -1.84 -3.49
C ILE A 54 1.30 -2.89 -4.56
N LEU A 55 2.22 -3.83 -4.72
CA LEU A 55 2.08 -4.87 -5.72
C LEU A 55 0.67 -5.47 -5.69
N ALA A 56 0.08 -5.45 -4.51
CA ALA A 56 -1.25 -5.99 -4.30
C ALA A 56 -2.29 -4.90 -4.05
N MET A 57 -2.22 -3.82 -4.82
CA MET A 57 -3.16 -2.72 -4.68
C MET A 57 -4.57 -3.18 -5.08
N HIS A 58 -4.84 -3.21 -6.39
CA HIS A 58 -6.13 -3.65 -6.91
C HIS A 58 -6.21 -3.43 -8.41
N GLU A 59 -5.85 -2.22 -8.85
CA GLU A 59 -5.86 -1.88 -10.26
C GLU A 59 -4.58 -1.14 -10.65
N ASN A 60 -4.12 -0.26 -9.77
CA ASN A 60 -2.90 0.50 -10.01
C ASN A 60 -1.70 -0.20 -9.38
N VAL A 61 -1.66 -1.52 -9.48
CA VAL A 61 -0.57 -2.31 -8.92
C VAL A 61 0.70 -2.12 -9.74
N LEU A 62 1.85 -2.40 -9.13
CA LEU A 62 3.12 -2.26 -9.81
C LEU A 62 3.38 -0.81 -10.21
N LYS A 63 2.77 -0.39 -11.32
CA LYS A 63 2.93 0.98 -11.81
C LYS A 63 1.60 1.54 -12.28
ZN ZN B . 0.32 -0.27 0.96
N ARG A 16 -12.52 -3.01 2.55
CA ARG A 16 -13.18 -3.62 1.40
C ARG A 16 -12.57 -4.98 1.06
N GLU A 17 -12.49 -5.84 2.07
CA GLU A 17 -11.91 -7.17 1.88
C GLU A 17 -10.45 -7.07 1.47
N SER A 18 -9.56 -7.53 2.34
CA SER A 18 -8.13 -7.48 2.07
C SER A 18 -7.65 -6.04 1.95
N LYS A 19 -6.79 -5.63 2.88
CA LYS A 19 -6.26 -4.27 2.88
C LYS A 19 -4.98 -4.22 2.07
N CYS A 20 -4.35 -3.06 2.06
CA CYS A 20 -3.10 -2.86 1.33
C CYS A 20 -1.92 -3.47 2.09
N PRO A 21 -1.72 -3.07 3.36
CA PRO A 21 -0.61 -3.60 4.16
C PRO A 21 -0.59 -5.12 4.19
N THR A 22 -0.25 -5.70 3.04
CA THR A 22 -0.19 -7.15 2.91
C THR A 22 1.27 -7.57 2.75
N PRO A 23 1.56 -8.88 2.56
CA PRO A 23 2.94 -9.34 2.41
C PRO A 23 3.75 -8.48 1.43
N GLY A 24 3.05 -7.72 0.58
CA GLY A 24 3.71 -6.87 -0.39
C GLY A 24 3.69 -5.41 0.00
N CYS A 25 3.33 -5.12 1.25
CA CYS A 25 3.28 -3.75 1.76
C CYS A 25 3.48 -3.73 3.28
N ASP A 26 3.81 -2.57 3.83
CA ASP A 26 4.01 -2.42 5.27
C ASP A 26 2.81 -1.72 5.89
N GLY A 27 2.31 -0.70 5.21
CA GLY A 27 1.15 0.03 5.70
C GLY A 27 1.51 1.14 6.66
N THR A 28 2.39 1.99 6.20
CA THR A 28 2.84 3.12 7.00
C THR A 28 3.37 4.25 6.12
N GLY A 29 2.91 5.47 6.39
CA GLY A 29 3.37 6.63 5.64
C GLY A 29 2.50 6.95 4.45
N HIS A 30 1.25 6.47 4.46
CA HIS A 30 0.28 6.73 3.38
C HIS A 30 0.97 7.05 2.05
N VAL A 31 0.26 7.69 1.15
CA VAL A 31 0.82 8.06 -0.15
C VAL A 31 1.88 9.17 -0.05
N THR A 32 1.71 10.10 0.88
CA THR A 32 2.66 11.21 1.02
C THR A 32 3.35 11.16 2.38
N GLY A 33 3.11 10.11 3.16
CA GLY A 33 3.71 10.04 4.47
C GLY A 33 3.18 11.13 5.35
N LEU A 34 2.09 11.75 4.92
CA LEU A 34 1.47 12.82 5.69
C LEU A 34 0.25 12.32 6.40
N TYR A 35 -0.02 11.02 6.25
CA TYR A 35 -1.18 10.43 6.89
C TYR A 35 -0.71 9.41 7.92
N PRO A 36 -1.54 9.08 8.90
CA PRO A 36 -1.19 8.09 9.90
C PRO A 36 -1.15 6.69 9.32
N HIS A 37 -0.52 6.54 8.14
CA HIS A 37 -0.43 5.27 7.44
C HIS A 37 -1.64 5.15 6.54
N HIS A 38 -1.71 4.04 5.84
CA HIS A 38 -2.84 3.79 4.96
C HIS A 38 -3.40 2.40 5.22
N ARG A 39 -4.58 2.36 5.81
CA ARG A 39 -5.25 1.10 6.15
C ARG A 39 -5.42 0.21 4.93
N SER A 40 -5.42 0.82 3.74
CA SER A 40 -5.59 0.06 2.51
C SER A 40 -5.82 0.97 1.31
N LEU A 41 -4.75 1.45 0.69
CA LEU A 41 -4.87 2.31 -0.48
C LEU A 41 -5.19 3.73 -0.05
N SER A 42 -5.52 4.57 -1.03
CA SER A 42 -5.79 5.97 -0.74
C SER A 42 -4.53 6.67 -0.26
N GLY A 43 -3.48 5.88 0.00
CA GLY A 43 -2.23 6.41 0.46
C GLY A 43 -1.07 5.59 -0.09
N CYS A 44 -0.54 4.73 0.75
CA CYS A 44 0.57 3.86 0.34
C CYS A 44 1.76 4.68 -0.20
N PRO A 45 2.84 4.84 0.60
CA PRO A 45 4.02 5.63 0.20
C PRO A 45 5.11 4.82 -0.49
N HIS A 46 4.74 3.83 -1.26
CA HIS A 46 5.75 3.00 -1.91
C HIS A 46 5.61 3.01 -3.44
N LYS A 47 4.72 2.16 -3.98
CA LYS A 47 4.52 2.09 -5.43
C LYS A 47 5.72 1.43 -6.11
N ASP A 48 5.93 0.14 -5.82
CA ASP A 48 7.03 -0.58 -6.43
C ASP A 48 6.75 -2.08 -6.53
N ARG A 49 5.46 -2.44 -6.37
CA ARG A 49 5.04 -3.84 -6.45
C ARG A 49 5.99 -4.78 -5.69
N VAL A 50 5.78 -6.08 -5.90
CA VAL A 50 6.58 -7.14 -5.27
C VAL A 50 6.97 -6.82 -3.81
N PRO A 51 8.14 -6.18 -3.54
CA PRO A 51 8.54 -5.88 -2.15
C PRO A 51 7.45 -5.10 -1.41
N PRO A 52 7.73 -4.68 -0.16
CA PRO A 52 6.77 -3.93 0.64
C PRO A 52 6.42 -2.59 -0.01
N GLU A 53 5.32 -2.57 -0.74
CA GLU A 53 4.87 -1.38 -1.43
C GLU A 53 3.36 -1.36 -1.62
N ILE A 54 2.90 -1.65 -2.83
CA ILE A 54 1.46 -1.64 -3.13
C ILE A 54 1.04 -2.84 -3.96
N LEU A 55 1.94 -3.81 -4.18
CA LEU A 55 1.61 -4.99 -4.98
C LEU A 55 0.26 -5.56 -4.56
N ALA A 56 -0.07 -5.39 -3.29
CA ALA A 56 -1.32 -5.88 -2.74
C ALA A 56 -2.51 -5.51 -3.63
N MET A 57 -2.38 -4.39 -4.33
CA MET A 57 -3.42 -3.91 -5.22
C MET A 57 -3.67 -4.92 -6.34
N HIS A 58 -4.76 -5.67 -6.21
CA HIS A 58 -5.12 -6.67 -7.22
C HIS A 58 -5.59 -6.01 -8.50
N GLU A 59 -6.27 -4.87 -8.36
CA GLU A 59 -6.78 -4.14 -9.52
C GLU A 59 -5.64 -3.58 -10.36
N ASN A 60 -4.75 -2.83 -9.72
CA ASN A 60 -3.61 -2.24 -10.41
C ASN A 60 -2.33 -2.39 -9.60
N VAL A 61 -1.56 -3.43 -9.92
CA VAL A 61 -0.31 -3.70 -9.22
C VAL A 61 0.80 -2.74 -9.68
N LEU A 62 1.75 -2.47 -8.78
CA LEU A 62 2.87 -1.57 -9.06
C LEU A 62 2.49 -0.11 -8.83
N LYS A 63 1.20 0.21 -8.93
CA LYS A 63 0.73 1.57 -8.74
C LYS A 63 -0.66 1.58 -8.13
ZN ZN B . 0.28 -0.12 0.89
N ARG A 16 -10.79 2.27 5.24
CA ARG A 16 -10.53 2.18 6.69
C ARG A 16 -10.01 0.79 7.07
N GLU A 17 -10.63 -0.24 6.50
CA GLU A 17 -10.24 -1.62 6.81
C GLU A 17 -8.94 -2.01 6.11
N SER A 18 -8.23 -2.98 6.69
CA SER A 18 -6.97 -3.46 6.13
C SER A 18 -7.20 -4.09 4.75
N LYS A 19 -6.43 -3.67 3.76
CA LYS A 19 -6.58 -4.20 2.41
C LYS A 19 -5.25 -4.35 1.70
N CYS A 20 -4.49 -3.27 1.69
CA CYS A 20 -3.19 -3.24 1.03
C CYS A 20 -2.11 -4.02 1.78
N PRO A 21 -2.22 -4.20 3.11
CA PRO A 21 -1.21 -4.93 3.88
C PRO A 21 -0.90 -6.29 3.25
N THR A 22 -0.15 -6.26 2.16
CA THR A 22 0.23 -7.47 1.45
C THR A 22 1.47 -8.08 2.09
N PRO A 23 1.86 -9.31 1.66
CA PRO A 23 3.05 -9.97 2.19
C PRO A 23 4.22 -9.02 2.32
N GLY A 24 4.24 -8.01 1.47
CA GLY A 24 5.31 -7.03 1.49
C GLY A 24 4.93 -5.78 2.26
N CYS A 25 3.99 -4.99 1.72
CA CYS A 25 3.56 -3.76 2.36
C CYS A 25 3.29 -3.97 3.86
N ASP A 26 3.35 -2.89 4.63
CA ASP A 26 3.12 -2.95 6.07
C ASP A 26 1.82 -2.23 6.45
N GLY A 27 1.48 -1.20 5.69
CA GLY A 27 0.28 -0.44 5.98
C GLY A 27 0.53 0.63 7.01
N THR A 28 1.46 1.50 6.67
CA THR A 28 1.86 2.58 7.52
C THR A 28 2.58 3.65 6.70
N GLY A 29 2.14 4.89 6.84
CA GLY A 29 2.77 5.97 6.10
C GLY A 29 2.16 6.18 4.72
N HIS A 30 0.83 6.28 4.67
CA HIS A 30 0.04 6.51 3.43
C HIS A 30 0.88 6.93 2.21
N VAL A 31 0.19 7.27 1.14
CA VAL A 31 0.84 7.69 -0.11
C VAL A 31 1.86 8.83 0.11
N THR A 32 1.55 9.75 1.01
CA THR A 32 2.46 10.86 1.29
C THR A 32 2.98 10.76 2.71
N GLY A 33 2.44 9.81 3.48
CA GLY A 33 2.84 9.66 4.85
C GLY A 33 2.27 10.78 5.69
N LEU A 34 1.34 11.51 5.08
CA LEU A 34 0.68 12.62 5.74
C LEU A 34 -0.64 12.15 6.30
N TYR A 35 -0.90 10.87 6.09
CA TYR A 35 -2.11 10.24 6.56
C TYR A 35 -1.77 9.29 7.69
N PRO A 36 -2.74 8.89 8.51
CA PRO A 36 -2.48 7.96 9.61
C PRO A 36 -2.35 6.53 9.09
N HIS A 37 -1.51 6.35 8.04
CA HIS A 37 -1.32 5.05 7.41
C HIS A 37 -2.33 4.91 6.30
N HIS A 38 -2.36 3.76 5.67
CA HIS A 38 -3.29 3.52 4.60
C HIS A 38 -3.95 2.16 4.71
N ARG A 39 -3.14 1.11 4.81
CA ARG A 39 -3.65 -0.25 4.93
C ARG A 39 -4.85 -0.45 4.02
N SER A 40 -4.84 0.23 2.88
CA SER A 40 -5.95 0.15 1.95
C SER A 40 -5.46 0.18 0.50
N LEU A 41 -4.94 1.33 0.06
CA LEU A 41 -4.46 1.50 -1.31
C LEU A 41 -4.44 2.97 -1.70
N SER A 42 -5.59 3.65 -1.49
CA SER A 42 -5.72 5.06 -1.81
C SER A 42 -4.47 5.83 -1.41
N GLY A 43 -3.82 5.36 -0.36
CA GLY A 43 -2.60 5.98 0.10
C GLY A 43 -1.41 5.21 -0.39
N CYS A 44 -0.78 4.50 0.52
CA CYS A 44 0.40 3.68 0.17
C CYS A 44 1.42 4.51 -0.63
N PRO A 45 2.57 4.87 -0.03
CA PRO A 45 3.61 5.66 -0.69
C PRO A 45 4.73 4.82 -1.29
N HIS A 46 4.60 3.51 -1.18
CA HIS A 46 5.63 2.61 -1.67
C HIS A 46 5.69 2.58 -3.20
N LYS A 47 4.79 1.83 -3.85
CA LYS A 47 4.75 1.72 -5.30
C LYS A 47 6.12 1.29 -5.85
N ASP A 48 6.56 0.11 -5.43
CA ASP A 48 7.84 -0.43 -5.88
C ASP A 48 7.64 -1.69 -6.72
N ARG A 49 6.39 -2.16 -6.80
CA ARG A 49 6.06 -3.36 -7.57
C ARG A 49 7.01 -4.52 -7.27
N VAL A 50 6.51 -5.52 -6.52
CA VAL A 50 7.24 -6.73 -6.13
C VAL A 50 7.60 -6.67 -4.64
N PRO A 51 8.68 -5.97 -4.23
CA PRO A 51 9.05 -5.86 -2.80
C PRO A 51 7.89 -5.30 -1.98
N PRO A 52 8.12 -4.99 -0.69
CA PRO A 52 7.07 -4.44 0.18
C PRO A 52 6.63 -3.05 -0.28
N GLU A 53 5.42 -2.95 -0.82
CA GLU A 53 4.93 -1.67 -1.29
C GLU A 53 3.40 -1.64 -1.39
N ILE A 54 2.89 -1.73 -2.60
CA ILE A 54 1.43 -1.71 -2.83
C ILE A 54 1.01 -2.99 -3.52
N LEU A 55 2.00 -3.78 -3.94
CA LEU A 55 1.76 -5.05 -4.64
C LEU A 55 0.63 -4.92 -5.67
N ALA A 56 0.42 -3.71 -6.20
CA ALA A 56 -0.63 -3.47 -7.19
C ALA A 56 -2.03 -3.56 -6.59
N MET A 57 -2.17 -4.28 -5.48
CA MET A 57 -3.45 -4.44 -4.81
C MET A 57 -4.42 -5.27 -5.66
N HIS A 58 -5.07 -4.62 -6.62
CA HIS A 58 -6.01 -5.31 -7.50
C HIS A 58 -5.28 -6.00 -8.65
N GLU A 59 -4.37 -5.28 -9.28
CA GLU A 59 -3.60 -5.81 -10.39
C GLU A 59 -2.49 -6.73 -9.89
N ASN A 60 -1.58 -7.13 -10.78
CA ASN A 60 -0.48 -8.01 -10.42
C ASN A 60 0.86 -7.27 -10.48
N VAL A 61 1.37 -6.90 -9.31
CA VAL A 61 2.64 -6.18 -9.22
C VAL A 61 2.55 -4.78 -9.80
N LEU A 62 2.96 -3.79 -9.00
CA LEU A 62 2.92 -2.39 -9.43
C LEU A 62 1.50 -1.85 -9.39
N LYS A 63 0.72 -2.16 -10.42
CA LYS A 63 -0.66 -1.70 -10.50
C LYS A 63 -1.34 -2.22 -11.78
ZN ZN B . 0.38 -0.40 1.04
N ARG A 16 -13.23 -2.61 3.01
CA ARG A 16 -13.95 -3.28 4.10
C ARG A 16 -13.81 -4.80 3.99
N GLU A 17 -12.70 -5.24 3.40
CA GLU A 17 -12.43 -6.67 3.23
C GLU A 17 -10.93 -6.95 3.26
N SER A 18 -10.26 -6.69 2.15
CA SER A 18 -8.82 -6.89 2.04
C SER A 18 -8.10 -5.55 2.00
N LYS A 19 -7.07 -5.41 2.83
CA LYS A 19 -6.32 -4.16 2.89
C LYS A 19 -5.05 -4.23 2.04
N CYS A 20 -4.21 -3.23 2.19
CA CYS A 20 -2.95 -3.14 1.45
C CYS A 20 -1.80 -3.85 2.17
N PRO A 21 -1.69 -3.68 3.50
CA PRO A 21 -0.61 -4.30 4.27
C PRO A 21 -0.45 -5.78 3.95
N THR A 22 0.16 -6.06 2.80
CA THR A 22 0.36 -7.43 2.36
C THR A 22 1.72 -7.93 2.87
N PRO A 23 2.06 -9.22 2.65
CA PRO A 23 3.33 -9.79 3.10
C PRO A 23 4.50 -8.83 2.91
N GLY A 24 4.38 -7.96 1.91
CA GLY A 24 5.42 -6.99 1.63
C GLY A 24 5.18 -5.66 2.32
N CYS A 25 4.20 -4.90 1.82
CA CYS A 25 3.88 -3.58 2.39
C CYS A 25 3.80 -3.65 3.92
N ASP A 26 3.96 -2.48 4.56
CA ASP A 26 3.90 -2.42 6.02
C ASP A 26 2.57 -1.84 6.48
N GLY A 27 2.06 -0.86 5.74
CA GLY A 27 0.81 -0.22 6.09
C GLY A 27 1.05 0.88 7.09
N THR A 28 2.11 1.61 6.84
CA THR A 28 2.53 2.70 7.68
C THR A 28 3.42 3.64 6.88
N GLY A 29 2.83 4.21 5.83
CA GLY A 29 3.57 5.11 4.97
C GLY A 29 2.72 5.56 3.81
N HIS A 30 1.58 6.17 4.13
CA HIS A 30 0.64 6.68 3.14
C HIS A 30 1.34 7.28 1.92
N VAL A 31 0.54 7.64 0.95
CA VAL A 31 1.03 8.18 -0.31
C VAL A 31 2.06 9.32 -0.11
N THR A 32 1.90 10.12 0.94
CA THR A 32 2.82 11.20 1.19
C THR A 32 3.44 11.05 2.58
N GLY A 33 3.01 10.01 3.31
CA GLY A 33 3.50 9.82 4.64
C GLY A 33 3.03 10.93 5.54
N LEU A 34 2.02 11.65 5.05
CA LEU A 34 1.43 12.74 5.78
C LEU A 34 0.16 12.26 6.42
N TYR A 35 -0.06 10.96 6.27
CA TYR A 35 -1.23 10.31 6.83
C TYR A 35 -0.80 9.32 7.90
N PRO A 36 -1.67 8.99 8.84
CA PRO A 36 -1.33 8.02 9.88
C PRO A 36 -1.32 6.61 9.31
N HIS A 37 -0.57 6.42 8.20
CA HIS A 37 -0.50 5.14 7.52
C HIS A 37 -1.60 5.11 6.50
N HIS A 38 -1.76 3.97 5.86
CA HIS A 38 -2.84 3.83 4.87
C HIS A 38 -3.64 2.56 5.12
N ARG A 39 -4.95 2.74 5.26
CA ARG A 39 -5.86 1.64 5.53
C ARG A 39 -5.71 0.55 4.48
N SER A 40 -5.45 0.94 3.22
CA SER A 40 -5.31 -0.03 2.15
C SER A 40 -5.28 0.64 0.78
N LEU A 41 -4.11 1.11 0.37
CA LEU A 41 -3.95 1.74 -0.94
C LEU A 41 -4.53 3.15 -0.99
N SER A 42 -5.25 3.56 0.07
CA SER A 42 -5.80 4.90 0.11
C SER A 42 -4.71 5.92 -0.16
N GLY A 43 -3.49 5.53 0.19
CA GLY A 43 -2.32 6.36 -0.02
C GLY A 43 -1.21 5.56 -0.66
N CYS A 44 -0.56 4.76 0.18
CA CYS A 44 0.54 3.86 -0.26
C CYS A 44 1.29 4.35 -1.51
N PRO A 45 2.40 5.10 -1.35
CA PRO A 45 3.23 5.61 -2.43
C PRO A 45 4.54 4.85 -2.58
N HIS A 46 4.73 3.82 -1.76
CA HIS A 46 5.96 3.04 -1.75
C HIS A 46 6.52 2.85 -3.15
N LYS A 47 5.70 2.27 -4.03
CA LYS A 47 6.10 2.00 -5.41
C LYS A 47 4.95 1.45 -6.21
N ASP A 48 4.49 0.29 -5.75
CA ASP A 48 3.41 -0.47 -6.34
C ASP A 48 3.81 -1.94 -6.48
N ARG A 49 5.12 -2.17 -6.36
CA ARG A 49 5.69 -3.52 -6.47
C ARG A 49 5.34 -4.40 -5.29
N VAL A 50 5.16 -5.70 -5.55
CA VAL A 50 4.83 -6.68 -4.52
C VAL A 50 5.63 -6.48 -3.22
N PRO A 51 6.96 -6.26 -3.28
CA PRO A 51 7.76 -6.06 -2.06
C PRO A 51 7.14 -5.00 -1.16
N PRO A 52 7.74 -4.72 0.01
CA PRO A 52 7.22 -3.72 0.95
C PRO A 52 6.80 -2.43 0.27
N GLU A 53 5.72 -2.48 -0.51
CA GLU A 53 5.23 -1.32 -1.21
C GLU A 53 3.70 -1.32 -1.30
N ILE A 54 3.16 -1.59 -2.49
CA ILE A 54 1.71 -1.58 -2.69
C ILE A 54 1.16 -2.87 -3.29
N LEU A 55 2.04 -3.78 -3.69
CA LEU A 55 1.59 -5.04 -4.29
C LEU A 55 0.63 -4.81 -5.45
N ALA A 56 0.75 -3.65 -6.09
CA ALA A 56 -0.10 -3.32 -7.23
C ALA A 56 -1.57 -3.26 -6.84
N MET A 57 -1.81 -3.05 -5.55
CA MET A 57 -3.18 -2.98 -5.04
C MET A 57 -3.90 -4.31 -5.20
N HIS A 58 -4.27 -4.64 -6.43
CA HIS A 58 -4.95 -5.89 -6.71
C HIS A 58 -3.98 -7.07 -6.67
N GLU A 59 -4.49 -8.27 -6.96
CA GLU A 59 -3.68 -9.48 -6.95
C GLU A 59 -2.38 -9.28 -7.74
N ASN A 60 -2.41 -8.40 -8.73
CA ASN A 60 -1.23 -8.13 -9.55
C ASN A 60 -0.09 -7.59 -8.69
N VAL A 61 1.09 -7.47 -9.29
CA VAL A 61 2.26 -6.97 -8.57
C VAL A 61 3.01 -5.93 -9.41
N LEU A 62 3.45 -4.84 -8.77
CA LEU A 62 4.17 -3.79 -9.50
C LEU A 62 3.27 -3.16 -10.56
N LYS A 63 3.80 -2.15 -11.25
CA LYS A 63 3.04 -1.47 -12.29
C LYS A 63 2.87 -2.36 -13.52
ZN ZN B . 0.55 -0.31 1.26
N ARG A 16 -14.98 -1.29 4.44
CA ARG A 16 -13.85 -2.12 4.86
C ARG A 16 -14.02 -3.57 4.43
N GLU A 17 -13.01 -4.09 3.73
CA GLU A 17 -13.03 -5.46 3.26
C GLU A 17 -11.64 -6.08 3.39
N SER A 18 -10.68 -5.47 2.70
CA SER A 18 -9.29 -5.93 2.73
C SER A 18 -8.36 -4.73 2.83
N LYS A 19 -7.06 -4.97 2.97
CA LYS A 19 -6.11 -3.86 3.08
C LYS A 19 -4.93 -4.04 2.12
N CYS A 20 -4.04 -3.07 2.16
CA CYS A 20 -2.86 -3.04 1.29
C CYS A 20 -1.66 -3.79 1.91
N PRO A 21 -1.48 -3.73 3.24
CA PRO A 21 -0.35 -4.38 3.91
C PRO A 21 -0.11 -5.80 3.39
N THR A 22 0.44 -5.88 2.19
CA THR A 22 0.73 -7.16 1.56
C THR A 22 2.03 -7.71 2.10
N PRO A 23 2.37 -8.98 1.74
CA PRO A 23 3.62 -9.61 2.18
C PRO A 23 4.80 -8.64 2.12
N GLY A 24 4.70 -7.68 1.21
CA GLY A 24 5.75 -6.69 1.06
C GLY A 24 5.44 -5.41 1.80
N CYS A 25 4.37 -4.72 1.40
CA CYS A 25 3.99 -3.46 2.05
C CYS A 25 3.79 -3.65 3.54
N ASP A 26 3.86 -2.55 4.30
CA ASP A 26 3.69 -2.60 5.74
C ASP A 26 2.39 -1.91 6.13
N GLY A 27 2.05 -0.84 5.42
CA GLY A 27 0.82 -0.10 5.72
C GLY A 27 1.07 0.98 6.73
N THR A 28 1.99 1.85 6.39
CA THR A 28 2.35 2.96 7.26
C THR A 28 3.03 4.07 6.47
N GLY A 29 2.58 5.30 6.66
CA GLY A 29 3.17 6.45 5.99
C GLY A 29 2.44 6.83 4.71
N HIS A 30 1.17 6.41 4.60
CA HIS A 30 0.30 6.72 3.45
C HIS A 30 1.10 7.06 2.18
N VAL A 31 0.44 7.65 1.22
CA VAL A 31 1.10 8.03 -0.03
C VAL A 31 2.22 9.05 0.16
N THR A 32 2.08 9.96 1.11
CA THR A 32 3.11 10.96 1.35
C THR A 32 3.50 11.03 2.82
N GLY A 33 3.16 9.98 3.57
CA GLY A 33 3.50 9.96 4.98
C GLY A 33 2.83 11.07 5.75
N LEU A 34 1.84 11.69 5.15
CA LEU A 34 1.11 12.77 5.79
C LEU A 34 -0.16 12.25 6.39
N TYR A 35 -0.34 10.94 6.32
CA TYR A 35 -1.53 10.33 6.87
C TYR A 35 -1.15 9.27 7.89
N PRO A 36 -2.07 8.92 8.80
CA PRO A 36 -1.79 7.92 9.82
C PRO A 36 -1.72 6.52 9.21
N HIS A 37 -0.98 6.40 8.09
CA HIS A 37 -0.85 5.14 7.38
C HIS A 37 -1.92 5.08 6.32
N HIS A 38 -1.99 3.98 5.63
CA HIS A 38 -3.00 3.79 4.60
C HIS A 38 -3.75 2.49 4.80
N ARG A 39 -5.06 2.60 4.96
CA ARG A 39 -5.92 1.45 5.20
C ARG A 39 -5.83 0.42 4.08
N SER A 40 -5.55 0.87 2.86
CA SER A 40 -5.47 -0.06 1.73
C SER A 40 -5.25 0.67 0.40
N LEU A 41 -4.03 1.16 0.17
CA LEU A 41 -3.71 1.84 -1.08
C LEU A 41 -4.22 3.28 -1.10
N SER A 42 -5.14 3.60 -0.18
CA SER A 42 -5.67 4.96 -0.10
C SER A 42 -4.53 5.97 -0.10
N GLY A 43 -3.36 5.50 0.32
CA GLY A 43 -2.17 6.33 0.35
C GLY A 43 -0.99 5.59 -0.22
N CYS A 44 -0.39 4.78 0.63
CA CYS A 44 0.78 3.96 0.24
C CYS A 44 1.83 4.80 -0.50
N PRO A 45 2.99 5.07 0.12
CA PRO A 45 4.06 5.87 -0.48
C PRO A 45 5.21 5.03 -1.00
N HIS A 46 4.92 3.82 -1.44
CA HIS A 46 5.97 2.93 -1.89
C HIS A 46 6.13 2.92 -3.42
N LYS A 47 5.42 2.01 -4.10
CA LYS A 47 5.52 1.89 -5.54
C LYS A 47 4.33 1.15 -6.11
N ASP A 48 4.36 -0.15 -5.89
CA ASP A 48 3.34 -1.08 -6.35
C ASP A 48 3.93 -2.47 -6.40
N ARG A 49 5.25 -2.51 -6.51
CA ARG A 49 5.99 -3.77 -6.59
C ARG A 49 5.72 -4.68 -5.40
N VAL A 50 5.39 -5.94 -5.70
CA VAL A 50 5.10 -6.96 -4.68
C VAL A 50 5.87 -6.71 -3.39
N PRO A 51 7.21 -6.51 -3.49
CA PRO A 51 8.04 -6.25 -2.32
C PRO A 51 7.49 -5.12 -1.46
N PRO A 52 8.26 -4.65 -0.46
CA PRO A 52 7.84 -3.57 0.44
C PRO A 52 7.31 -2.34 -0.30
N GLU A 53 6.19 -2.49 -1.01
CA GLU A 53 5.58 -1.39 -1.73
C GLU A 53 4.05 -1.42 -1.60
N ILE A 54 3.35 -1.80 -2.66
CA ILE A 54 1.87 -1.84 -2.61
C ILE A 54 1.34 -3.18 -3.11
N LEU A 55 2.15 -3.89 -3.89
CA LEU A 55 1.75 -5.19 -4.43
C LEU A 55 0.46 -5.07 -5.25
N ALA A 56 0.06 -3.85 -5.60
CA ALA A 56 -1.16 -3.62 -6.38
C ALA A 56 -2.32 -4.45 -5.86
N MET A 57 -2.27 -4.80 -4.56
CA MET A 57 -3.31 -5.60 -3.92
C MET A 57 -3.73 -6.78 -4.80
N HIS A 58 -4.69 -6.55 -5.71
CA HIS A 58 -5.16 -7.59 -6.60
C HIS A 58 -5.05 -7.14 -8.05
N GLU A 59 -5.17 -8.10 -8.97
CA GLU A 59 -5.08 -7.79 -10.40
C GLU A 59 -3.74 -7.14 -10.74
N ASN A 60 -2.82 -7.94 -11.26
CA ASN A 60 -1.50 -7.45 -11.62
C ASN A 60 -0.76 -6.88 -10.41
N VAL A 61 0.53 -6.64 -10.58
CA VAL A 61 1.36 -6.11 -9.50
C VAL A 61 2.71 -5.67 -10.04
N LEU A 62 3.48 -4.92 -9.25
CA LEU A 62 4.79 -4.47 -9.68
C LEU A 62 4.69 -3.56 -10.90
N LYS A 63 5.25 -2.36 -10.78
CA LYS A 63 5.23 -1.38 -11.87
C LYS A 63 6.00 -1.91 -13.07
ZN ZN B . 0.61 -0.18 1.00
N ARG A 16 -14.36 -3.06 5.68
CA ARG A 16 -15.22 -3.79 4.75
C ARG A 16 -14.39 -4.55 3.71
N GLU A 17 -13.61 -3.82 2.93
CA GLU A 17 -12.78 -4.43 1.90
C GLU A 17 -11.43 -4.85 2.47
N SER A 18 -10.62 -5.52 1.64
CA SER A 18 -9.30 -5.97 2.05
C SER A 18 -8.40 -4.77 2.34
N LYS A 19 -7.09 -5.02 2.40
CA LYS A 19 -6.15 -3.95 2.66
C LYS A 19 -4.86 -4.14 1.88
N CYS A 20 -3.98 -3.13 1.98
CA CYS A 20 -2.71 -3.14 1.26
C CYS A 20 -1.58 -3.78 2.07
N PRO A 21 -1.49 -3.51 3.38
CA PRO A 21 -0.43 -4.05 4.24
C PRO A 21 -0.16 -5.53 3.97
N THR A 22 0.63 -5.80 2.93
CA THR A 22 0.97 -7.16 2.57
C THR A 22 2.26 -7.58 3.25
N PRO A 23 2.64 -8.87 3.16
CA PRO A 23 3.87 -9.36 3.74
C PRO A 23 5.03 -8.44 3.38
N GLY A 24 4.90 -7.78 2.24
CA GLY A 24 5.91 -6.85 1.79
C GLY A 24 5.63 -5.44 2.26
N CYS A 25 4.55 -4.82 1.75
CA CYS A 25 4.21 -3.45 2.17
C CYS A 25 4.12 -3.40 3.70
N ASP A 26 4.33 -2.22 4.27
CA ASP A 26 4.28 -2.07 5.71
C ASP A 26 2.90 -1.57 6.16
N GLY A 27 2.33 -0.64 5.39
CA GLY A 27 1.04 -0.10 5.74
C GLY A 27 1.16 1.00 6.76
N THR A 28 2.12 1.86 6.50
CA THR A 28 2.40 2.99 7.36
C THR A 28 3.10 4.08 6.57
N GLY A 29 2.59 5.31 6.69
CA GLY A 29 3.17 6.43 5.99
C GLY A 29 2.41 6.78 4.72
N HIS A 30 1.15 6.33 4.63
CA HIS A 30 0.27 6.60 3.49
C HIS A 30 1.05 6.90 2.21
N VAL A 31 0.42 7.60 1.29
CA VAL A 31 1.07 7.97 0.03
C VAL A 31 2.23 8.94 0.20
N THR A 32 2.14 9.85 1.17
CA THR A 32 3.21 10.82 1.39
C THR A 32 3.60 10.90 2.87
N GLY A 33 3.28 9.86 3.62
CA GLY A 33 3.61 9.84 5.03
C GLY A 33 2.94 10.95 5.80
N LEU A 34 1.95 11.56 5.20
CA LEU A 34 1.22 12.65 5.85
C LEU A 34 -0.06 12.15 6.44
N TYR A 35 -0.27 10.84 6.35
CA TYR A 35 -1.48 10.25 6.89
C TYR A 35 -1.13 9.17 7.91
N PRO A 36 -2.09 8.79 8.77
CA PRO A 36 -1.85 7.76 9.78
C PRO A 36 -1.77 6.37 9.16
N HIS A 37 -1.01 6.25 8.05
CA HIS A 37 -0.86 5.00 7.34
C HIS A 37 -1.93 4.90 6.28
N HIS A 38 -1.96 3.78 5.60
CA HIS A 38 -2.97 3.54 4.58
C HIS A 38 -3.64 2.19 4.81
N ARG A 39 -4.95 2.23 5.00
CA ARG A 39 -5.72 1.02 5.27
C ARG A 39 -5.80 0.11 4.06
N SER A 40 -5.51 0.64 2.86
CA SER A 40 -5.59 -0.17 1.65
C SER A 40 -5.37 0.65 0.39
N LEU A 41 -4.15 1.14 0.18
CA LEU A 41 -3.84 1.90 -1.03
C LEU A 41 -4.34 3.34 -0.92
N SER A 42 -5.19 3.61 0.08
CA SER A 42 -5.70 4.96 0.28
C SER A 42 -4.56 5.96 0.17
N GLY A 43 -3.37 5.50 0.53
CA GLY A 43 -2.19 6.30 0.45
C GLY A 43 -1.04 5.52 -0.14
N CYS A 44 -0.46 4.67 0.69
CA CYS A 44 0.67 3.82 0.28
C CYS A 44 1.76 4.68 -0.38
N PRO A 45 2.92 4.87 0.30
CA PRO A 45 4.01 5.70 -0.20
C PRO A 45 5.07 4.93 -0.97
N HIS A 46 4.72 3.77 -1.48
CA HIS A 46 5.66 2.95 -2.20
C HIS A 46 5.42 3.00 -3.71
N LYS A 47 4.64 2.07 -4.27
CA LYS A 47 4.36 2.07 -5.71
C LYS A 47 5.57 1.59 -6.51
N ASP A 48 5.89 0.31 -6.38
CA ASP A 48 7.01 -0.25 -7.13
C ASP A 48 6.65 -1.60 -7.74
N ARG A 49 5.37 -1.96 -7.66
CA ARG A 49 4.89 -3.24 -8.20
C ARG A 49 5.66 -4.42 -7.63
N VAL A 50 5.97 -4.34 -6.34
CA VAL A 50 6.67 -5.41 -5.64
C VAL A 50 6.10 -5.52 -4.22
N PRO A 51 6.00 -6.73 -3.65
CA PRO A 51 5.46 -6.95 -2.31
C PRO A 51 5.64 -5.76 -1.37
N PRO A 52 6.89 -5.31 -1.12
CA PRO A 52 7.16 -4.18 -0.23
C PRO A 52 6.78 -2.83 -0.82
N GLU A 53 5.52 -2.67 -1.21
CA GLU A 53 5.04 -1.43 -1.77
C GLU A 53 3.52 -1.39 -1.78
N ILE A 54 2.92 -1.64 -2.94
CA ILE A 54 1.46 -1.62 -3.08
C ILE A 54 0.98 -2.86 -3.81
N LEU A 55 1.92 -3.73 -4.19
CA LEU A 55 1.57 -4.94 -4.93
C LEU A 55 0.39 -5.71 -4.32
N ALA A 56 0.06 -5.39 -3.07
CA ALA A 56 -1.06 -6.04 -2.37
C ALA A 56 -2.24 -6.31 -3.31
N MET A 57 -2.80 -5.24 -3.87
CA MET A 57 -3.94 -5.35 -4.77
C MET A 57 -3.52 -5.31 -6.24
N HIS A 58 -4.49 -5.07 -7.12
CA HIS A 58 -4.22 -5.02 -8.55
C HIS A 58 -4.75 -3.73 -9.18
N GLU A 59 -5.90 -3.26 -8.68
CA GLU A 59 -6.52 -2.03 -9.21
C GLU A 59 -5.48 -0.92 -9.36
N ASN A 60 -5.30 -0.10 -8.32
CA ASN A 60 -4.33 0.98 -8.37
C ASN A 60 -3.00 0.50 -7.78
N VAL A 61 -2.55 -0.64 -8.28
CA VAL A 61 -1.31 -1.25 -7.81
C VAL A 61 -0.30 -1.38 -8.95
N LEU A 62 0.95 -1.70 -8.61
CA LEU A 62 1.99 -1.84 -9.62
C LEU A 62 2.18 -0.53 -10.37
N LYS A 63 1.73 0.57 -9.78
CA LYS A 63 1.85 1.88 -10.41
C LYS A 63 3.31 2.33 -10.43
ZN ZN B . 0.77 -0.26 0.92
N ARG A 16 -16.03 -0.22 4.36
CA ARG A 16 -15.70 -1.40 3.59
C ARG A 16 -14.59 -2.21 4.28
N GLU A 17 -14.63 -3.52 4.10
CA GLU A 17 -13.64 -4.40 4.71
C GLU A 17 -12.51 -4.72 3.73
N SER A 18 -11.52 -3.83 3.67
CA SER A 18 -10.39 -4.02 2.77
C SER A 18 -9.12 -3.38 3.35
N LYS A 19 -7.98 -3.71 2.75
CA LYS A 19 -6.71 -3.17 3.19
C LYS A 19 -5.62 -3.35 2.13
N CYS A 20 -4.39 -2.99 2.48
CA CYS A 20 -3.25 -3.08 1.58
C CYS A 20 -2.34 -4.27 1.91
N PRO A 21 -2.81 -5.51 1.71
CA PRO A 21 -2.00 -6.70 2.01
C PRO A 21 -0.97 -7.01 0.92
N THR A 22 0.11 -6.24 0.87
CA THR A 22 1.15 -6.48 -0.11
C THR A 22 2.14 -7.50 0.44
N PRO A 23 2.69 -8.37 -0.41
CA PRO A 23 3.65 -9.39 0.02
C PRO A 23 4.59 -8.90 1.12
N GLY A 24 4.84 -7.59 1.15
CA GLY A 24 5.72 -7.05 2.16
C GLY A 24 5.34 -5.67 2.68
N CYS A 25 4.36 -4.99 2.06
CA CYS A 25 3.97 -3.66 2.53
C CYS A 25 3.77 -3.65 4.03
N ASP A 26 3.99 -2.50 4.67
CA ASP A 26 3.84 -2.38 6.11
C ASP A 26 2.53 -1.69 6.47
N GLY A 27 2.23 -0.61 5.77
CA GLY A 27 1.02 0.13 6.06
C GLY A 27 1.27 1.27 7.01
N THR A 28 2.20 2.11 6.63
CA THR A 28 2.59 3.26 7.41
C THR A 28 3.20 4.34 6.52
N GLY A 29 2.71 5.57 6.65
CA GLY A 29 3.22 6.67 5.86
C GLY A 29 2.44 6.93 4.59
N HIS A 30 1.17 6.49 4.58
CA HIS A 30 0.24 6.67 3.44
C HIS A 30 0.97 7.00 2.14
N VAL A 31 0.21 7.46 1.15
CA VAL A 31 0.79 7.81 -0.16
C VAL A 31 1.79 8.97 -0.07
N THR A 32 1.55 9.92 0.83
CA THR A 32 2.44 11.07 0.97
C THR A 32 3.06 11.10 2.36
N GLY A 33 2.73 10.11 3.19
CA GLY A 33 3.25 10.09 4.53
C GLY A 33 2.66 11.20 5.36
N LEU A 34 1.60 11.80 4.82
CA LEU A 34 0.92 12.89 5.50
C LEU A 34 -0.33 12.37 6.16
N TYR A 35 -0.52 11.06 6.07
CA TYR A 35 -1.68 10.43 6.67
C TYR A 35 -1.23 9.51 7.79
N PRO A 36 -2.10 9.16 8.72
CA PRO A 36 -1.74 8.26 9.81
C PRO A 36 -1.61 6.83 9.31
N HIS A 37 -0.89 6.65 8.18
CA HIS A 37 -0.70 5.37 7.54
C HIS A 37 -1.81 5.18 6.53
N HIS A 38 -1.82 4.03 5.91
CA HIS A 38 -2.83 3.71 4.92
C HIS A 38 -3.41 2.34 5.17
N ARG A 39 -2.52 1.36 5.32
CA ARG A 39 -2.92 -0.02 5.56
C ARG A 39 -4.18 -0.39 4.79
N SER A 40 -4.41 0.26 3.65
CA SER A 40 -5.59 -0.02 2.85
C SER A 40 -5.46 0.39 1.38
N LEU A 41 -4.27 0.84 0.97
CA LEU A 41 -4.03 1.23 -0.43
C LEU A 41 -4.52 2.64 -0.71
N SER A 42 -5.47 3.14 0.09
CA SER A 42 -5.98 4.49 -0.09
C SER A 42 -4.83 5.47 -0.22
N GLY A 43 -3.70 5.12 0.38
CA GLY A 43 -2.52 5.95 0.33
C GLY A 43 -1.34 5.18 -0.21
N CYS A 44 -0.62 4.54 0.70
CA CYS A 44 0.56 3.74 0.32
C CYS A 44 1.53 4.58 -0.52
N PRO A 45 2.72 4.93 0.02
CA PRO A 45 3.72 5.75 -0.67
C PRO A 45 4.83 4.92 -1.31
N HIS A 46 4.62 3.63 -1.43
CA HIS A 46 5.63 2.75 -2.00
C HIS A 46 5.52 2.67 -3.52
N LYS A 47 4.50 1.98 -4.01
CA LYS A 47 4.27 1.81 -5.45
C LYS A 47 5.53 1.33 -6.16
N ASP A 48 5.99 0.15 -5.78
CA ASP A 48 7.18 -0.43 -6.42
C ASP A 48 7.00 -1.93 -6.59
N ARG A 49 5.78 -2.42 -6.34
CA ARG A 49 5.47 -3.84 -6.49
C ARG A 49 6.33 -4.72 -5.58
N VAL A 50 6.21 -6.03 -5.82
CA VAL A 50 6.92 -7.08 -5.09
C VAL A 50 7.36 -6.68 -3.66
N PRO A 51 8.48 -5.94 -3.50
CA PRO A 51 8.95 -5.54 -2.17
C PRO A 51 7.85 -4.89 -1.36
N PRO A 52 8.14 -4.52 -0.09
CA PRO A 52 7.16 -3.89 0.79
C PRO A 52 6.61 -2.61 0.17
N GLU A 53 5.70 -2.76 -0.78
CA GLU A 53 5.13 -1.62 -1.46
C GLU A 53 3.59 -1.68 -1.54
N ILE A 54 3.07 -1.98 -2.72
CA ILE A 54 1.63 -2.09 -2.96
C ILE A 54 1.36 -3.16 -3.99
N LEU A 55 2.36 -4.03 -4.20
CA LEU A 55 2.24 -5.11 -5.19
C LEU A 55 0.85 -5.74 -5.17
N ALA A 56 0.26 -5.76 -3.99
CA ALA A 56 -1.06 -6.32 -3.80
C ALA A 56 -2.14 -5.24 -3.78
N MET A 57 -2.23 -4.47 -4.85
CA MET A 57 -3.23 -3.40 -4.93
C MET A 57 -4.40 -3.82 -5.81
N HIS A 58 -5.44 -3.01 -5.81
CA HIS A 58 -6.64 -3.31 -6.60
C HIS A 58 -6.88 -2.23 -7.67
N GLU A 59 -6.29 -1.05 -7.48
CA GLU A 59 -6.45 0.04 -8.42
C GLU A 59 -5.17 0.24 -9.24
N ASN A 60 -4.05 0.39 -8.54
CA ASN A 60 -2.76 0.60 -9.21
C ASN A 60 -1.69 -0.33 -8.65
N VAL A 61 -1.73 -1.59 -9.07
CA VAL A 61 -0.75 -2.58 -8.61
C VAL A 61 0.62 -2.30 -9.20
N LEU A 62 1.66 -2.63 -8.44
CA LEU A 62 3.03 -2.42 -8.89
C LEU A 62 3.36 -0.94 -8.95
N LYS A 63 2.71 -0.22 -9.85
CA LYS A 63 2.93 1.21 -10.01
C LYS A 63 1.62 1.95 -10.22
ZN ZN B . 0.63 -0.35 1.33
N ARG A 16 -15.67 -0.10 -0.13
CA ARG A 16 -15.44 -1.53 -0.30
C ARG A 16 -14.00 -1.78 -0.76
N GLU A 17 -13.16 -2.25 0.16
CA GLU A 17 -11.77 -2.54 -0.16
C GLU A 17 -11.14 -3.44 0.90
N SER A 18 -9.84 -3.66 0.79
CA SER A 18 -9.12 -4.51 1.73
C SER A 18 -7.81 -3.85 2.17
N LYS A 19 -7.11 -4.51 3.10
CA LYS A 19 -5.87 -3.98 3.62
C LYS A 19 -4.71 -4.24 2.65
N CYS A 20 -3.96 -3.21 2.40
CA CYS A 20 -2.81 -3.25 1.51
C CYS A 20 -1.63 -4.00 2.11
N PRO A 21 -1.40 -3.91 3.44
CA PRO A 21 -0.28 -4.58 4.09
C PRO A 21 -0.15 -6.04 3.66
N THR A 22 0.48 -6.26 2.51
CA THR A 22 0.68 -7.62 2.02
C THR A 22 1.98 -8.17 2.60
N PRO A 23 2.33 -9.43 2.29
CA PRO A 23 3.55 -10.06 2.81
C PRO A 23 4.75 -9.11 2.79
N GLY A 24 4.70 -8.10 1.91
CA GLY A 24 5.77 -7.15 1.80
C GLY A 24 5.44 -5.80 2.42
N CYS A 25 4.49 -5.06 1.83
CA CYS A 25 4.12 -3.74 2.35
C CYS A 25 3.93 -3.79 3.86
N ASP A 26 4.12 -2.64 4.52
CA ASP A 26 3.98 -2.56 5.97
C ASP A 26 2.71 -1.82 6.35
N GLY A 27 2.44 -0.72 5.66
CA GLY A 27 1.26 0.07 5.94
C GLY A 27 1.56 1.22 6.86
N THR A 28 2.41 2.10 6.40
CA THR A 28 2.82 3.26 7.15
C THR A 28 3.29 4.39 6.24
N GLY A 29 2.76 5.59 6.47
CA GLY A 29 3.14 6.75 5.67
C GLY A 29 2.27 6.95 4.45
N HIS A 30 1.05 6.39 4.48
CA HIS A 30 0.07 6.52 3.38
C HIS A 30 0.74 6.82 2.05
N VAL A 31 -0.02 7.36 1.12
CA VAL A 31 0.51 7.69 -0.21
C VAL A 31 1.58 8.78 -0.17
N THR A 32 1.45 9.75 0.73
CA THR A 32 2.43 10.83 0.80
C THR A 32 2.91 11.04 2.24
N GLY A 33 2.74 10.03 3.07
CA GLY A 33 3.17 10.13 4.45
C GLY A 33 2.48 11.25 5.18
N LEU A 34 1.39 11.74 4.61
CA LEU A 34 0.63 12.82 5.21
C LEU A 34 -0.54 12.26 5.99
N TYR A 35 -0.62 10.94 6.01
CA TYR A 35 -1.71 10.27 6.71
C TYR A 35 -1.13 9.35 7.77
N PRO A 36 -1.92 9.00 8.79
CA PRO A 36 -1.46 8.10 9.84
C PRO A 36 -1.33 6.68 9.32
N HIS A 37 -0.71 6.53 8.14
CA HIS A 37 -0.55 5.24 7.50
C HIS A 37 -1.74 5.00 6.61
N HIS A 38 -1.73 3.86 5.95
CA HIS A 38 -2.83 3.48 5.09
C HIS A 38 -3.34 2.11 5.50
N ARG A 39 -2.44 1.14 5.58
CA ARG A 39 -2.80 -0.21 5.98
C ARG A 39 -4.06 -0.70 5.27
N SER A 40 -4.42 -0.06 4.16
CA SER A 40 -5.61 -0.47 3.43
C SER A 40 -5.67 0.12 2.03
N LEU A 41 -4.50 0.49 1.47
CA LEU A 41 -4.46 1.05 0.13
C LEU A 41 -4.90 2.50 0.15
N SER A 42 -5.28 3.04 -0.99
CA SER A 42 -5.69 4.44 -1.06
C SER A 42 -4.47 5.33 -0.90
N GLY A 43 -3.72 5.10 0.16
CA GLY A 43 -2.52 5.85 0.41
C GLY A 43 -1.31 5.11 -0.08
N CYS A 44 -0.72 4.33 0.82
CA CYS A 44 0.47 3.53 0.49
C CYS A 44 1.58 4.41 -0.10
N PRO A 45 2.68 4.65 0.65
CA PRO A 45 3.79 5.50 0.20
C PRO A 45 4.89 4.75 -0.54
N HIS A 46 4.56 3.64 -1.18
CA HIS A 46 5.57 2.87 -1.88
C HIS A 46 5.38 2.92 -3.40
N LYS A 47 4.39 2.17 -3.93
CA LYS A 47 4.14 2.15 -5.36
C LYS A 47 5.39 1.79 -6.13
N ASP A 48 5.83 0.55 -5.98
CA ASP A 48 7.01 0.08 -6.69
C ASP A 48 6.74 -1.26 -7.33
N ARG A 49 5.46 -1.67 -7.35
CA ARG A 49 5.07 -2.94 -7.95
C ARG A 49 5.92 -4.10 -7.45
N VAL A 50 6.03 -4.18 -6.13
CA VAL A 50 6.76 -5.26 -5.47
C VAL A 50 6.08 -5.51 -4.12
N PRO A 51 6.19 -6.72 -3.56
CA PRO A 51 5.56 -7.05 -2.29
C PRO A 51 5.62 -5.89 -1.28
N PRO A 52 6.83 -5.39 -0.96
CA PRO A 52 7.00 -4.28 -0.01
C PRO A 52 6.58 -2.92 -0.55
N GLU A 53 5.33 -2.80 -1.00
CA GLU A 53 4.84 -1.54 -1.53
C GLU A 53 3.29 -1.54 -1.58
N ILE A 54 2.76 -1.70 -2.78
CA ILE A 54 1.31 -1.73 -3.00
C ILE A 54 0.94 -2.91 -3.87
N LEU A 55 1.94 -3.73 -4.18
CA LEU A 55 1.75 -4.90 -5.05
C LEU A 55 0.43 -5.61 -4.74
N ALA A 56 0.01 -5.53 -3.49
CA ALA A 56 -1.23 -6.15 -3.05
C ALA A 56 -2.43 -5.51 -3.74
N MET A 57 -2.41 -4.18 -3.83
CA MET A 57 -3.50 -3.44 -4.46
C MET A 57 -3.69 -3.89 -5.91
N HIS A 58 -4.74 -3.38 -6.56
CA HIS A 58 -5.02 -3.75 -7.95
C HIS A 58 -5.35 -2.53 -8.79
N GLU A 59 -5.76 -2.77 -10.04
CA GLU A 59 -6.11 -1.71 -10.97
C GLU A 59 -4.87 -1.01 -11.52
N ASN A 60 -4.39 0.00 -10.82
CA ASN A 60 -3.21 0.75 -11.25
C ASN A 60 -2.10 0.65 -10.21
N VAL A 61 -1.59 -0.56 -10.01
CA VAL A 61 -0.53 -0.80 -9.04
C VAL A 61 0.21 -2.10 -9.38
N LEU A 62 1.12 -2.50 -8.48
CA LEU A 62 1.88 -3.73 -8.68
C LEU A 62 2.38 -3.87 -10.12
N LYS A 63 2.83 -5.06 -10.49
CA LYS A 63 3.32 -5.32 -11.83
C LYS A 63 2.19 -5.26 -12.85
ZN ZN B . 0.73 -0.42 1.25
N ARG A 16 -12.82 -0.63 4.83
CA ARG A 16 -12.78 -1.44 6.03
C ARG A 16 -11.84 -2.64 5.88
N GLU A 17 -11.32 -3.11 7.01
CA GLU A 17 -10.40 -4.25 7.02
C GLU A 17 -9.16 -3.97 6.17
N SER A 18 -8.10 -4.74 6.43
CA SER A 18 -6.85 -4.58 5.70
C SER A 18 -7.03 -4.93 4.23
N LYS A 19 -6.66 -4.00 3.36
CA LYS A 19 -6.77 -4.22 1.92
C LYS A 19 -5.39 -4.30 1.28
N CYS A 20 -4.77 -3.14 1.09
CA CYS A 20 -3.45 -3.05 0.50
C CYS A 20 -2.41 -3.89 1.25
N PRO A 21 -2.44 -3.88 2.59
CA PRO A 21 -1.48 -4.65 3.39
C PRO A 21 -1.22 -6.05 2.86
N THR A 22 -0.42 -6.11 1.81
CA THR A 22 -0.08 -7.38 1.19
C THR A 22 1.06 -8.05 1.94
N PRO A 23 1.45 -9.27 1.54
CA PRO A 23 2.55 -9.98 2.19
C PRO A 23 3.77 -9.08 2.38
N GLY A 24 3.85 -8.03 1.56
CA GLY A 24 4.95 -7.10 1.65
C GLY A 24 4.58 -5.80 2.35
N CYS A 25 3.74 -4.98 1.70
CA CYS A 25 3.34 -3.69 2.28
C CYS A 25 3.04 -3.81 3.76
N ASP A 26 3.25 -2.71 4.49
CA ASP A 26 3.01 -2.68 5.92
C ASP A 26 1.69 -1.98 6.23
N GLY A 27 1.49 -0.83 5.61
CA GLY A 27 0.26 -0.08 5.83
C GLY A 27 0.45 1.06 6.80
N THR A 28 1.43 1.89 6.50
CA THR A 28 1.74 3.04 7.32
C THR A 28 2.50 4.10 6.52
N GLY A 29 1.97 5.33 6.52
CA GLY A 29 2.61 6.43 5.79
C GLY A 29 1.80 6.89 4.59
N HIS A 30 0.77 6.16 4.23
CA HIS A 30 -0.06 6.54 3.09
C HIS A 30 0.78 6.93 1.88
N VAL A 31 0.09 7.40 0.85
CA VAL A 31 0.73 7.81 -0.41
C VAL A 31 1.90 8.80 -0.26
N THR A 32 1.90 9.68 0.76
CA THR A 32 2.98 10.63 0.89
C THR A 32 3.76 10.42 2.18
N GLY A 33 3.42 9.38 2.94
CA GLY A 33 4.11 9.16 4.18
C GLY A 33 3.70 10.19 5.20
N LEU A 34 2.58 10.86 4.93
CA LEU A 34 2.11 11.91 5.81
C LEU A 34 0.69 11.68 6.29
N TYR A 35 0.12 10.51 6.01
CA TYR A 35 -1.24 10.25 6.47
C TYR A 35 -1.20 9.27 7.62
N PRO A 36 -2.30 9.10 8.35
CA PRO A 36 -2.35 8.15 9.47
C PRO A 36 -2.35 6.72 8.95
N HIS A 37 -1.59 6.47 7.87
CA HIS A 37 -1.51 5.17 7.24
C HIS A 37 -2.58 5.07 6.19
N HIS A 38 -2.61 3.94 5.53
CA HIS A 38 -3.61 3.69 4.51
C HIS A 38 -4.29 2.36 4.77
N ARG A 39 -3.48 1.33 4.96
CA ARG A 39 -4.00 -0.01 5.25
C ARG A 39 -5.21 -0.33 4.39
N SER A 40 -5.29 0.28 3.20
CA SER A 40 -6.43 0.04 2.33
C SER A 40 -6.30 0.70 0.95
N LEU A 41 -5.08 1.08 0.55
CA LEU A 41 -4.88 1.70 -0.76
C LEU A 41 -5.34 3.15 -0.73
N SER A 42 -5.37 3.78 -1.89
CA SER A 42 -5.75 5.19 -1.97
C SER A 42 -4.62 6.06 -1.44
N GLY A 43 -3.72 5.46 -0.68
CA GLY A 43 -2.60 6.15 -0.13
C GLY A 43 -1.32 5.40 -0.40
N CYS A 44 -0.93 4.58 0.57
CA CYS A 44 0.27 3.75 0.46
C CYS A 44 1.52 4.59 0.15
N PRO A 45 2.57 4.53 1.00
CA PRO A 45 3.79 5.33 0.81
C PRO A 45 4.90 4.57 0.10
N HIS A 46 4.56 3.57 -0.69
CA HIS A 46 5.59 2.78 -1.36
C HIS A 46 5.53 2.92 -2.89
N LYS A 47 4.86 1.99 -3.59
CA LYS A 47 4.74 2.04 -5.06
C LYS A 47 6.01 1.54 -5.75
N ASP A 48 6.30 0.23 -5.62
CA ASP A 48 7.47 -0.35 -6.27
C ASP A 48 7.16 -1.72 -6.87
N ARG A 49 5.88 -2.05 -6.92
CA ARG A 49 5.39 -3.33 -7.47
C ARG A 49 6.41 -4.47 -7.40
N VAL A 50 7.08 -4.60 -6.26
CA VAL A 50 8.05 -5.70 -6.08
C VAL A 50 8.28 -5.99 -4.60
N PRO A 51 8.71 -4.99 -3.82
CA PRO A 51 8.94 -5.14 -2.39
C PRO A 51 7.75 -4.69 -1.57
N PRO A 52 7.82 -4.75 -0.23
CA PRO A 52 6.72 -4.31 0.63
C PRO A 52 6.25 -2.91 0.24
N GLU A 53 5.38 -2.83 -0.76
CA GLU A 53 4.90 -1.56 -1.25
C GLU A 53 3.40 -1.58 -1.59
N ILE A 54 3.10 -1.79 -2.87
CA ILE A 54 1.73 -1.85 -3.36
C ILE A 54 1.68 -2.85 -4.50
N LEU A 55 2.60 -3.80 -4.47
CA LEU A 55 2.69 -4.83 -5.52
C LEU A 55 1.34 -5.45 -5.80
N ALA A 56 0.42 -5.31 -4.87
CA ALA A 56 -0.91 -5.86 -5.02
C ALA A 56 -1.98 -4.83 -4.64
N MET A 57 -1.92 -3.67 -5.28
CA MET A 57 -2.88 -2.60 -5.02
C MET A 57 -4.31 -3.06 -5.36
N HIS A 58 -4.62 -3.10 -6.65
CA HIS A 58 -5.95 -3.53 -7.10
C HIS A 58 -5.85 -4.74 -8.03
N GLU A 59 -5.40 -4.50 -9.25
CA GLU A 59 -5.27 -5.57 -10.24
C GLU A 59 -4.05 -6.44 -9.92
N ASN A 60 -2.86 -5.85 -10.07
CA ASN A 60 -1.61 -6.57 -9.81
C ASN A 60 -0.40 -5.70 -10.13
N VAL A 61 0.67 -5.89 -9.37
CA VAL A 61 1.91 -5.15 -9.56
C VAL A 61 1.67 -3.65 -9.79
N LEU A 62 1.96 -2.85 -8.76
CA LEU A 62 1.79 -1.41 -8.84
C LEU A 62 0.31 -1.04 -8.90
N LYS A 63 0.04 0.24 -9.15
CA LYS A 63 -1.33 0.72 -9.24
C LYS A 63 -1.89 0.55 -10.65
ZN ZN B . 0.13 -0.30 0.99
N ARG A 16 -14.56 -1.00 -3.00
CA ARG A 16 -14.08 -2.19 -2.29
C ARG A 16 -13.68 -1.83 -0.87
N GLU A 17 -13.68 -2.83 0.02
CA GLU A 17 -13.31 -2.60 1.41
C GLU A 17 -12.09 -3.43 1.80
N SER A 18 -11.15 -3.56 0.88
CA SER A 18 -9.93 -4.32 1.13
C SER A 18 -8.80 -3.40 1.56
N LYS A 19 -7.79 -3.96 2.21
CA LYS A 19 -6.65 -3.20 2.68
C LYS A 19 -5.39 -3.49 1.86
N CYS A 20 -4.24 -3.06 2.37
CA CYS A 20 -2.96 -3.23 1.69
C CYS A 20 -2.04 -4.22 2.38
N PRO A 21 -2.36 -5.52 2.40
CA PRO A 21 -1.52 -6.52 3.03
C PRO A 21 -0.49 -7.06 2.04
N THR A 22 0.50 -6.24 1.70
CA THR A 22 1.52 -6.66 0.76
C THR A 22 2.57 -7.49 1.45
N PRO A 23 3.08 -8.55 0.79
CA PRO A 23 4.11 -9.40 1.37
C PRO A 23 5.24 -8.60 2.00
N GLY A 24 5.37 -7.34 1.57
CA GLY A 24 6.41 -6.49 2.11
C GLY A 24 5.88 -5.20 2.72
N CYS A 25 4.85 -4.60 2.11
CA CYS A 25 4.32 -3.33 2.63
C CYS A 25 4.19 -3.37 4.15
N ASP A 26 4.28 -2.21 4.78
CA ASP A 26 4.19 -2.12 6.23
C ASP A 26 2.88 -1.48 6.67
N GLY A 27 2.39 -0.53 5.88
CA GLY A 27 1.15 0.15 6.21
C GLY A 27 1.41 1.28 7.17
N THR A 28 2.30 2.16 6.76
CA THR A 28 2.69 3.30 7.55
C THR A 28 3.30 4.38 6.66
N GLY A 29 2.77 5.59 6.76
CA GLY A 29 3.26 6.70 5.96
C GLY A 29 2.44 6.92 4.70
N HIS A 30 1.18 6.49 4.73
CA HIS A 30 0.22 6.65 3.61
C HIS A 30 0.92 6.96 2.28
N VAL A 31 0.17 7.49 1.34
CA VAL A 31 0.72 7.83 0.02
C VAL A 31 1.71 9.00 0.10
N THR A 32 1.47 9.96 0.98
CA THR A 32 2.36 11.10 1.13
C THR A 32 3.03 11.09 2.49
N GLY A 33 2.66 10.13 3.33
CA GLY A 33 3.22 10.07 4.65
C GLY A 33 2.66 11.17 5.51
N LEU A 34 1.61 11.81 5.01
CA LEU A 34 0.97 12.88 5.73
C LEU A 34 -0.29 12.38 6.40
N TYR A 35 -0.51 11.06 6.31
CA TYR A 35 -1.68 10.45 6.91
C TYR A 35 -1.24 9.50 8.02
N PRO A 36 -2.16 9.09 8.89
CA PRO A 36 -1.84 8.17 9.97
C PRO A 36 -1.66 6.75 9.42
N HIS A 37 -0.91 6.62 8.31
CA HIS A 37 -0.69 5.35 7.66
C HIS A 37 -1.81 5.09 6.70
N HIS A 38 -1.74 3.98 6.02
CA HIS A 38 -2.77 3.59 5.07
C HIS A 38 -3.24 2.18 5.35
N ARG A 39 -2.27 1.26 5.40
CA ARG A 39 -2.57 -0.13 5.66
C ARG A 39 -3.75 -0.62 4.82
N SER A 40 -4.07 0.07 3.72
CA SER A 40 -5.18 -0.34 2.87
C SER A 40 -4.91 -0.12 1.39
N LEU A 41 -4.54 1.11 0.98
CA LEU A 41 -4.27 1.41 -0.43
C LEU A 41 -4.40 2.90 -0.72
N SER A 42 -5.55 3.47 -0.35
CA SER A 42 -5.84 4.89 -0.57
C SER A 42 -4.57 5.73 -0.48
N GLY A 43 -3.70 5.35 0.45
CA GLY A 43 -2.45 6.04 0.61
C GLY A 43 -1.31 5.25 0.03
N CYS A 44 -0.61 4.55 0.91
CA CYS A 44 0.53 3.72 0.49
C CYS A 44 1.54 4.56 -0.29
N PRO A 45 2.73 4.85 0.30
CA PRO A 45 3.76 5.66 -0.36
C PRO A 45 4.81 4.84 -1.08
N HIS A 46 4.46 3.63 -1.48
CA HIS A 46 5.43 2.76 -2.15
C HIS A 46 5.13 2.64 -3.66
N LYS A 47 4.12 1.84 -4.02
CA LYS A 47 3.74 1.64 -5.42
C LYS A 47 4.91 1.21 -6.29
N ASP A 48 5.41 0.00 -6.03
CA ASP A 48 6.52 -0.54 -6.82
C ASP A 48 6.23 -1.97 -7.28
N ARG A 49 5.18 -2.57 -6.73
CA ARG A 49 4.79 -3.94 -7.09
C ARG A 49 5.95 -4.94 -6.95
N VAL A 50 5.68 -6.01 -6.22
CA VAL A 50 6.64 -7.09 -5.95
C VAL A 50 7.27 -6.92 -4.56
N PRO A 51 8.12 -5.89 -4.34
CA PRO A 51 8.72 -5.65 -3.04
C PRO A 51 7.69 -5.07 -2.07
N PRO A 52 8.10 -4.60 -0.87
CA PRO A 52 7.17 -4.02 0.10
C PRO A 52 6.57 -2.72 -0.40
N GLU A 53 5.34 -2.77 -0.94
CA GLU A 53 4.70 -1.58 -1.45
C GLU A 53 3.16 -1.64 -1.38
N ILE A 54 2.55 -1.89 -2.53
CA ILE A 54 1.08 -1.96 -2.62
C ILE A 54 0.66 -3.19 -3.42
N LEU A 55 1.64 -4.04 -3.74
CA LEU A 55 1.36 -5.23 -4.53
C LEU A 55 0.14 -5.99 -4.02
N ALA A 56 -0.16 -5.83 -2.74
CA ALA A 56 -1.29 -6.50 -2.13
C ALA A 56 -2.58 -6.21 -2.90
N MET A 57 -2.79 -4.94 -3.23
CA MET A 57 -3.98 -4.53 -3.97
C MET A 57 -4.01 -5.20 -5.34
N HIS A 58 -4.51 -6.44 -5.38
CA HIS A 58 -4.60 -7.20 -6.62
C HIS A 58 -5.20 -6.36 -7.75
N GLU A 59 -6.04 -5.41 -7.39
CA GLU A 59 -6.68 -4.54 -8.38
C GLU A 59 -5.78 -3.36 -8.72
N ASN A 60 -5.29 -2.66 -7.70
CA ASN A 60 -4.42 -1.52 -7.89
C ASN A 60 -2.95 -1.87 -7.59
N VAL A 61 -2.44 -2.86 -8.29
CA VAL A 61 -1.04 -3.29 -8.11
C VAL A 61 -0.10 -2.38 -8.88
N LEU A 62 1.10 -2.18 -8.32
CA LEU A 62 2.10 -1.33 -8.96
C LEU A 62 1.66 0.14 -8.96
N LYS A 63 0.61 0.43 -9.71
CA LYS A 63 0.09 1.79 -9.81
C LYS A 63 -1.36 1.84 -9.35
ZN ZN B . 0.74 -0.33 1.33
N ARG A 16 -13.16 -1.24 6.76
CA ARG A 16 -13.70 -2.44 6.14
C ARG A 16 -12.59 -3.37 5.66
N GLU A 17 -11.78 -3.85 6.61
CA GLU A 17 -10.68 -4.75 6.29
C GLU A 17 -9.62 -4.04 5.45
N SER A 18 -8.41 -4.57 5.50
CA SER A 18 -7.29 -3.99 4.75
C SER A 18 -7.40 -4.33 3.26
N LYS A 19 -6.87 -3.45 2.41
CA LYS A 19 -6.92 -3.68 0.97
C LYS A 19 -5.52 -3.70 0.37
N CYS A 20 -4.59 -3.00 1.01
CA CYS A 20 -3.21 -2.94 0.56
C CYS A 20 -2.23 -3.69 1.47
N PRO A 21 -2.64 -4.80 2.10
CA PRO A 21 -1.75 -5.56 2.98
C PRO A 21 -0.77 -6.41 2.19
N THR A 22 0.29 -5.79 1.69
CA THR A 22 1.28 -6.51 0.91
C THR A 22 2.32 -7.14 1.83
N PRO A 23 2.79 -8.36 1.51
CA PRO A 23 3.78 -9.06 2.33
C PRO A 23 4.89 -8.14 2.79
N GLY A 24 5.20 -7.13 1.99
CA GLY A 24 6.24 -6.19 2.34
C GLY A 24 5.71 -4.79 2.62
N CYS A 25 4.57 -4.44 2.04
CA CYS A 25 3.98 -3.12 2.27
C CYS A 25 3.90 -2.87 3.78
N ASP A 26 4.12 -1.63 4.19
CA ASP A 26 4.08 -1.27 5.59
C ASP A 26 2.65 -1.04 6.06
N GLY A 27 1.89 -0.27 5.28
CA GLY A 27 0.53 0.02 5.64
C GLY A 27 0.46 0.97 6.82
N THR A 28 1.52 1.73 7.00
CA THR A 28 1.62 2.68 8.08
C THR A 28 2.40 3.91 7.65
N GLY A 29 2.09 4.40 6.45
CA GLY A 29 2.78 5.57 5.93
C GLY A 29 2.15 6.13 4.66
N HIS A 30 0.84 5.95 4.52
CA HIS A 30 0.08 6.44 3.36
C HIS A 30 0.94 6.84 2.16
N VAL A 31 0.31 7.49 1.19
CA VAL A 31 1.00 7.92 -0.04
C VAL A 31 2.19 8.86 0.18
N THR A 32 2.25 9.55 1.32
CA THR A 32 3.37 10.45 1.59
C THR A 32 3.92 10.21 2.99
N GLY A 33 3.43 9.18 3.65
CA GLY A 33 3.89 8.90 4.99
C GLY A 33 3.51 10.02 5.92
N LEU A 34 2.54 10.82 5.49
CA LEU A 34 2.08 11.94 6.28
C LEU A 34 0.63 11.78 6.66
N TYR A 35 0.10 10.59 6.42
CA TYR A 35 -1.29 10.31 6.77
C TYR A 35 -1.33 9.28 7.88
N PRO A 36 -2.50 9.02 8.46
CA PRO A 36 -2.64 8.04 9.51
C PRO A 36 -2.59 6.61 8.98
N HIS A 37 -1.65 6.33 8.05
CA HIS A 37 -1.50 5.01 7.47
C HIS A 37 -2.44 4.86 6.29
N HIS A 38 -2.43 3.66 5.74
CA HIS A 38 -3.29 3.34 4.61
C HIS A 38 -3.61 1.85 4.60
N ARG A 39 -4.74 1.50 4.01
CA ARG A 39 -5.14 0.11 3.91
C ARG A 39 -5.97 -0.11 2.66
N SER A 40 -5.58 0.57 1.57
CA SER A 40 -6.31 0.44 0.32
C SER A 40 -5.60 1.09 -0.88
N LEU A 41 -4.29 1.31 -0.81
CA LEU A 41 -3.57 1.92 -1.93
C LEU A 41 -3.79 3.42 -2.02
N SER A 42 -5.01 3.87 -1.73
CA SER A 42 -5.33 5.30 -1.77
C SER A 42 -4.14 6.13 -1.30
N GLY A 43 -3.43 5.58 -0.32
CA GLY A 43 -2.25 6.22 0.20
C GLY A 43 -1.00 5.48 -0.22
N CYS A 44 -0.56 4.58 0.64
CA CYS A 44 0.63 3.75 0.39
C CYS A 44 1.83 4.60 -0.06
N PRO A 45 2.87 4.73 0.80
CA PRO A 45 4.06 5.54 0.47
C PRO A 45 5.13 4.79 -0.30
N HIS A 46 4.75 3.68 -0.92
CA HIS A 46 5.71 2.88 -1.65
C HIS A 46 5.52 3.07 -3.16
N LYS A 47 4.66 2.27 -3.80
CA LYS A 47 4.40 2.42 -5.24
C LYS A 47 5.51 1.83 -6.11
N ASP A 48 5.72 0.52 -6.02
CA ASP A 48 6.72 -0.13 -6.86
C ASP A 48 6.26 -1.54 -7.22
N ARG A 49 4.93 -1.72 -7.19
CA ARG A 49 4.30 -2.99 -7.50
C ARG A 49 5.13 -4.19 -7.06
N VAL A 50 5.69 -4.12 -5.86
CA VAL A 50 6.48 -5.22 -5.32
C VAL A 50 6.11 -5.48 -3.86
N PRO A 51 6.30 -6.71 -3.39
CA PRO A 51 6.02 -7.12 -2.02
C PRO A 51 6.10 -5.99 -1.01
N PRO A 52 7.18 -5.18 -1.02
CA PRO A 52 7.36 -4.09 -0.07
C PRO A 52 6.83 -2.74 -0.57
N GLU A 53 5.69 -2.72 -1.27
CA GLU A 53 5.15 -1.45 -1.75
C GLU A 53 3.61 -1.42 -1.72
N ILE A 54 2.99 -1.61 -2.88
CA ILE A 54 1.53 -1.57 -3.00
C ILE A 54 1.01 -2.80 -3.73
N LEU A 55 1.92 -3.71 -4.05
CA LEU A 55 1.58 -4.92 -4.79
C LEU A 55 0.45 -5.73 -4.12
N ALA A 56 0.17 -5.42 -2.86
CA ALA A 56 -0.87 -6.11 -2.10
C ALA A 56 -2.04 -6.58 -2.97
N MET A 57 -2.70 -5.63 -3.61
CA MET A 57 -3.85 -5.94 -4.46
C MET A 57 -3.44 -6.80 -5.65
N HIS A 58 -4.34 -7.67 -6.08
CA HIS A 58 -4.08 -8.55 -7.22
C HIS A 58 -4.41 -7.85 -8.53
N GLU A 59 -3.61 -8.08 -9.55
CA GLU A 59 -3.81 -7.47 -10.86
C GLU A 59 -3.41 -6.00 -10.83
N ASN A 60 -4.10 -5.22 -9.99
CA ASN A 60 -3.82 -3.80 -9.87
C ASN A 60 -2.46 -3.58 -9.21
N VAL A 61 -1.40 -3.65 -10.03
CA VAL A 61 -0.04 -3.46 -9.54
C VAL A 61 0.31 -1.98 -9.43
N LEU A 62 1.02 -1.61 -8.36
CA LEU A 62 1.41 -0.22 -8.16
C LEU A 62 0.20 0.65 -7.86
N LYS A 63 -0.67 0.81 -8.85
CA LYS A 63 -1.87 1.63 -8.69
C LYS A 63 -2.79 1.47 -9.89
ZN ZN B . 0.39 -0.32 0.94
N ARG A 16 -12.70 -2.76 5.42
CA ARG A 16 -11.75 -3.84 5.61
C ARG A 16 -10.67 -3.45 6.63
N GLU A 17 -10.13 -4.43 7.32
CA GLU A 17 -9.09 -4.19 8.31
C GLU A 17 -7.76 -3.86 7.64
N SER A 18 -7.52 -4.48 6.49
CA SER A 18 -6.28 -4.26 5.74
C SER A 18 -6.45 -4.69 4.29
N LYS A 19 -6.32 -3.73 3.37
CA LYS A 19 -6.45 -4.01 1.95
C LYS A 19 -5.08 -4.12 1.29
N CYS A 20 -4.45 -2.97 1.13
CA CYS A 20 -3.12 -2.89 0.50
C CYS A 20 -2.09 -3.75 1.21
N PRO A 21 -2.11 -3.79 2.56
CA PRO A 21 -1.14 -4.57 3.33
C PRO A 21 -0.99 -5.99 2.81
N THR A 22 -0.35 -6.12 1.66
CA THR A 22 -0.12 -7.43 1.06
C THR A 22 1.10 -8.07 1.73
N PRO A 23 1.42 -9.35 1.42
CA PRO A 23 2.57 -10.04 2.02
C PRO A 23 3.77 -9.12 2.22
N GLY A 24 3.86 -8.09 1.38
CA GLY A 24 4.97 -7.16 1.48
C GLY A 24 4.60 -5.90 2.26
N CYS A 25 3.83 -5.00 1.64
CA CYS A 25 3.45 -3.73 2.28
C CYS A 25 3.12 -3.91 3.76
N ASP A 26 3.24 -2.82 4.52
CA ASP A 26 2.95 -2.84 5.94
C ASP A 26 1.65 -2.09 6.23
N GLY A 27 1.42 -1.00 5.49
CA GLY A 27 0.22 -0.22 5.68
C GLY A 27 0.41 0.89 6.69
N THR A 28 1.38 1.73 6.41
CA THR A 28 1.71 2.85 7.26
C THR A 28 2.45 3.93 6.48
N GLY A 29 2.05 5.19 6.69
CA GLY A 29 2.70 6.30 6.02
C GLY A 29 2.05 6.66 4.69
N HIS A 30 0.78 6.28 4.53
CA HIS A 30 0.00 6.58 3.32
C HIS A 30 0.89 6.90 2.11
N VAL A 31 0.34 7.59 1.13
CA VAL A 31 1.10 7.95 -0.07
C VAL A 31 2.17 9.01 0.20
N THR A 32 1.90 9.94 1.11
CA THR A 32 2.85 10.99 1.43
C THR A 32 3.29 10.91 2.88
N GLY A 33 2.86 9.87 3.59
CA GLY A 33 3.22 9.73 4.98
C GLY A 33 2.58 10.82 5.81
N LEU A 34 1.62 11.52 5.21
CA LEU A 34 0.93 12.58 5.89
C LEU A 34 -0.42 12.12 6.38
N TYR A 35 -0.71 10.85 6.16
CA TYR A 35 -1.97 10.29 6.60
C TYR A 35 -1.72 9.23 7.66
N PRO A 36 -2.72 8.91 8.48
CA PRO A 36 -2.55 7.89 9.51
C PRO A 36 -2.48 6.49 8.91
N HIS A 37 -1.65 6.33 7.87
CA HIS A 37 -1.49 5.07 7.18
C HIS A 37 -2.48 5.03 6.04
N HIS A 38 -2.48 3.94 5.32
CA HIS A 38 -3.40 3.78 4.21
C HIS A 38 -4.15 2.46 4.29
N ARG A 39 -3.41 1.36 4.38
CA ARG A 39 -4.01 0.04 4.45
C ARG A 39 -5.18 -0.06 3.46
N SER A 40 -5.08 0.68 2.35
CA SER A 40 -6.13 0.68 1.35
C SER A 40 -5.64 1.06 -0.05
N LEU A 41 -4.34 1.36 -0.19
CA LEU A 41 -3.76 1.71 -1.48
C LEU A 41 -3.98 3.18 -1.81
N SER A 42 -5.13 3.74 -1.42
CA SER A 42 -5.43 5.15 -1.69
C SER A 42 -4.18 6.01 -1.49
N GLY A 43 -3.40 5.64 -0.48
CA GLY A 43 -2.18 6.34 -0.20
C GLY A 43 -0.97 5.49 -0.54
N CYS A 44 -0.52 4.74 0.44
CA CYS A 44 0.63 3.84 0.27
C CYS A 44 1.87 4.64 -0.15
N PRO A 45 2.91 4.73 0.73
CA PRO A 45 4.13 5.48 0.46
C PRO A 45 5.24 4.65 -0.16
N HIS A 46 4.88 3.60 -0.88
CA HIS A 46 5.90 2.73 -1.48
C HIS A 46 5.85 2.78 -3.02
N LYS A 47 4.85 2.12 -3.63
CA LYS A 47 4.69 2.09 -5.08
C LYS A 47 5.96 1.59 -5.77
N ASP A 48 6.30 0.33 -5.54
CA ASP A 48 7.49 -0.27 -6.17
C ASP A 48 7.19 -1.65 -6.75
N ARG A 49 5.99 -2.16 -6.48
CA ARG A 49 5.56 -3.48 -6.98
C ARG A 49 6.61 -4.58 -6.74
N VAL A 50 6.12 -5.72 -6.27
CA VAL A 50 6.93 -6.92 -5.96
C VAL A 50 7.27 -6.96 -4.46
N PRO A 51 8.16 -6.08 -3.96
CA PRO A 51 8.49 -6.07 -2.54
C PRO A 51 7.38 -5.38 -1.73
N PRO A 52 7.63 -5.04 -0.46
CA PRO A 52 6.62 -4.39 0.37
C PRO A 52 6.26 -2.99 -0.14
N GLU A 53 5.13 -2.86 -0.83
CA GLU A 53 4.72 -1.57 -1.36
C GLU A 53 3.21 -1.49 -1.58
N ILE A 54 2.81 -1.57 -2.85
CA ILE A 54 1.39 -1.50 -3.23
C ILE A 54 1.05 -2.61 -4.19
N LEU A 55 1.97 -3.56 -4.34
CA LEU A 55 1.77 -4.68 -5.25
C LEU A 55 0.37 -5.27 -5.11
N ALA A 56 -0.20 -5.10 -3.93
CA ALA A 56 -1.54 -5.61 -3.64
C ALA A 56 -2.56 -5.12 -4.66
N MET A 57 -2.54 -3.81 -4.93
CA MET A 57 -3.45 -3.20 -5.89
C MET A 57 -3.44 -3.93 -7.24
N HIS A 58 -4.52 -4.66 -7.52
CA HIS A 58 -4.62 -5.40 -8.77
C HIS A 58 -4.69 -4.47 -9.98
N GLU A 59 -3.96 -4.83 -11.04
CA GLU A 59 -3.93 -4.05 -12.27
C GLU A 59 -3.49 -2.60 -12.03
N ASN A 60 -2.73 -2.38 -10.96
CA ASN A 60 -2.25 -1.05 -10.64
C ASN A 60 -1.00 -1.12 -9.76
N VAL A 61 -0.04 -1.93 -10.19
CA VAL A 61 1.20 -2.10 -9.44
C VAL A 61 1.98 -0.79 -9.31
N LEU A 62 2.82 -0.73 -8.27
CA LEU A 62 3.64 0.45 -8.00
C LEU A 62 2.88 1.75 -8.19
N LYS A 63 1.62 1.77 -7.76
CA LYS A 63 0.78 2.96 -7.88
C LYS A 63 -0.59 2.74 -7.27
ZN ZN B . 0.50 -0.17 0.91
N ARG A 16 -15.03 -1.17 5.58
CA ARG A 16 -14.02 -2.15 6.01
C ARG A 16 -14.13 -3.42 5.19
N GLU A 17 -13.46 -3.46 4.04
CA GLU A 17 -13.48 -4.63 3.17
C GLU A 17 -12.31 -4.59 2.19
N SER A 18 -11.15 -4.17 2.67
CA SER A 18 -9.96 -4.08 1.84
C SER A 18 -8.76 -3.59 2.66
N LYS A 19 -7.55 -3.97 2.22
CA LYS A 19 -6.35 -3.55 2.92
C LYS A 19 -5.08 -3.85 2.10
N CYS A 20 -4.10 -2.98 2.22
CA CYS A 20 -2.83 -3.11 1.50
C CYS A 20 -1.79 -3.95 2.23
N PRO A 21 -1.74 -3.91 3.58
CA PRO A 21 -0.74 -4.66 4.35
C PRO A 21 -0.44 -6.03 3.76
N THR A 22 0.34 -6.05 2.68
CA THR A 22 0.72 -7.29 2.02
C THR A 22 1.93 -7.91 2.71
N PRO A 23 2.29 -9.15 2.36
CA PRO A 23 3.44 -9.83 2.94
C PRO A 23 4.71 -8.99 2.85
N GLY A 24 4.71 -8.02 1.95
CA GLY A 24 5.87 -7.17 1.79
C GLY A 24 5.68 -5.75 2.29
N CYS A 25 4.59 -5.10 1.88
CA CYS A 25 4.32 -3.72 2.32
C CYS A 25 4.39 -3.63 3.85
N ASP A 26 4.66 -2.43 4.36
CA ASP A 26 4.75 -2.23 5.80
C ASP A 26 3.44 -1.65 6.34
N GLY A 27 2.89 -0.69 5.62
CA GLY A 27 1.64 -0.07 6.04
C GLY A 27 1.88 1.11 6.94
N THR A 28 2.69 2.03 6.45
CA THR A 28 3.05 3.22 7.18
C THR A 28 3.48 4.34 6.24
N GLY A 29 2.91 5.53 6.43
CA GLY A 29 3.27 6.68 5.61
C GLY A 29 2.37 6.86 4.40
N HIS A 30 1.16 6.28 4.46
CA HIS A 30 0.16 6.39 3.38
C HIS A 30 0.78 6.75 2.02
N VAL A 31 -0.04 7.23 1.11
CA VAL A 31 0.45 7.60 -0.23
C VAL A 31 1.49 8.72 -0.20
N THR A 32 1.39 9.66 0.73
CA THR A 32 2.34 10.76 0.80
C THR A 32 2.85 10.97 2.22
N GLY A 33 2.71 9.95 3.06
CA GLY A 33 3.17 10.05 4.42
C GLY A 33 2.47 11.15 5.18
N LEU A 34 1.35 11.60 4.64
CA LEU A 34 0.58 12.66 5.29
C LEU A 34 -0.58 12.06 6.04
N TYR A 35 -0.63 10.74 6.06
CA TYR A 35 -1.70 10.05 6.75
C TYR A 35 -1.12 9.14 7.83
N PRO A 36 -1.91 8.77 8.83
CA PRO A 36 -1.44 7.90 9.90
C PRO A 36 -1.25 6.47 9.39
N HIS A 37 -0.63 6.33 8.21
CA HIS A 37 -0.41 5.04 7.57
C HIS A 37 -1.55 4.75 6.64
N HIS A 38 -1.54 3.57 6.06
CA HIS A 38 -2.59 3.16 5.14
C HIS A 38 -2.92 1.70 5.36
N ARG A 39 -4.20 1.37 5.29
CA ARG A 39 -4.65 0.00 5.47
C ARG A 39 -5.60 -0.40 4.37
N SER A 40 -5.40 0.15 3.16
CA SER A 40 -6.29 -0.18 2.05
C SER A 40 -5.74 0.23 0.68
N LEU A 41 -4.46 0.59 0.59
CA LEU A 41 -3.87 0.98 -0.70
C LEU A 41 -4.19 2.43 -1.05
N SER A 42 -5.38 2.90 -0.64
CA SER A 42 -5.79 4.28 -0.91
C SER A 42 -4.61 5.23 -0.74
N GLY A 43 -3.71 4.87 0.17
CA GLY A 43 -2.54 5.66 0.40
C GLY A 43 -1.30 4.96 -0.11
N CYS A 44 -0.66 4.23 0.79
CA CYS A 44 0.54 3.46 0.45
C CYS A 44 1.60 4.36 -0.19
N PRO A 45 2.71 4.66 0.53
CA PRO A 45 3.78 5.53 0.02
C PRO A 45 4.84 4.80 -0.78
N HIS A 46 4.52 3.64 -1.33
CA HIS A 46 5.49 2.88 -2.07
C HIS A 46 5.18 2.86 -3.58
N LYS A 47 4.50 1.83 -4.10
CA LYS A 47 4.18 1.76 -5.52
C LYS A 47 5.43 1.44 -6.32
N ASP A 48 5.93 0.22 -6.16
CA ASP A 48 7.12 -0.18 -6.91
C ASP A 48 6.95 -1.55 -7.53
N ARG A 49 5.74 -2.10 -7.49
CA ARG A 49 5.50 -3.39 -8.08
C ARG A 49 6.34 -4.49 -7.43
N VAL A 50 6.41 -4.43 -6.11
CA VAL A 50 7.14 -5.42 -5.34
C VAL A 50 6.54 -5.51 -3.94
N PRO A 51 6.58 -6.70 -3.31
CA PRO A 51 6.01 -6.90 -1.98
C PRO A 51 6.19 -5.69 -1.07
N PRO A 52 7.43 -5.24 -0.80
CA PRO A 52 7.67 -4.08 0.08
C PRO A 52 7.19 -2.77 -0.54
N GLU A 53 5.89 -2.68 -0.79
CA GLU A 53 5.30 -1.49 -1.38
C GLU A 53 3.79 -1.52 -1.25
N ILE A 54 3.12 -1.84 -2.33
CA ILE A 54 1.66 -1.92 -2.34
C ILE A 54 1.24 -3.34 -2.66
N LEU A 55 2.07 -4.02 -3.46
CA LEU A 55 1.85 -5.41 -3.87
C LEU A 55 0.37 -5.76 -3.96
N ALA A 56 -0.45 -4.78 -4.32
CA ALA A 56 -1.88 -5.01 -4.44
C ALA A 56 -2.65 -3.71 -4.68
N MET A 57 -2.02 -2.74 -5.32
CA MET A 57 -2.68 -1.46 -5.59
C MET A 57 -3.56 -1.57 -6.84
N HIS A 58 -4.83 -1.23 -6.69
CA HIS A 58 -5.77 -1.30 -7.82
C HIS A 58 -5.79 -2.72 -8.38
N GLU A 59 -6.33 -2.88 -9.59
CA GLU A 59 -6.41 -4.18 -10.22
C GLU A 59 -5.20 -4.42 -11.12
N ASN A 60 -4.02 -4.05 -10.63
CA ASN A 60 -2.78 -4.22 -11.39
C ASN A 60 -1.58 -4.40 -10.46
N VAL A 61 -1.69 -5.32 -9.50
CA VAL A 61 -0.61 -5.59 -8.56
C VAL A 61 0.73 -5.63 -9.28
N LEU A 62 1.75 -4.95 -8.74
CA LEU A 62 3.05 -4.93 -9.37
C LEU A 62 2.94 -4.69 -10.88
N LYS A 63 1.94 -3.91 -11.27
CA LYS A 63 1.70 -3.61 -12.68
C LYS A 63 1.64 -4.88 -13.51
ZN ZN B . 0.92 -0.49 1.28
N ARG A 16 -13.97 -0.38 1.32
CA ARG A 16 -14.40 -0.98 0.06
C ARG A 16 -13.22 -1.55 -0.71
N GLU A 17 -12.44 -2.40 -0.04
CA GLU A 17 -11.28 -3.01 -0.67
C GLU A 17 -10.77 -4.18 0.19
N SER A 18 -9.58 -4.67 -0.14
CA SER A 18 -8.98 -5.78 0.60
C SER A 18 -7.75 -5.32 1.39
N LYS A 19 -7.58 -4.00 1.50
CA LYS A 19 -6.47 -3.42 2.21
C LYS A 19 -5.16 -3.62 1.46
N CYS A 20 -4.11 -2.99 1.96
CA CYS A 20 -2.79 -3.04 1.37
C CYS A 20 -1.74 -3.77 2.23
N PRO A 21 -2.07 -4.89 2.87
CA PRO A 21 -1.13 -5.62 3.72
C PRO A 21 -0.33 -6.67 2.95
N THR A 22 0.73 -6.25 2.25
CA THR A 22 1.55 -7.21 1.51
C THR A 22 2.76 -7.60 2.35
N PRO A 23 3.30 -8.81 2.14
CA PRO A 23 4.45 -9.29 2.89
C PRO A 23 5.55 -8.23 3.01
N GLY A 24 5.55 -7.29 2.07
CA GLY A 24 6.55 -6.24 2.11
C GLY A 24 6.01 -4.91 2.63
N CYS A 25 4.89 -4.42 2.08
CA CYS A 25 4.34 -3.14 2.54
C CYS A 25 4.21 -3.14 4.06
N ASP A 26 4.36 -1.96 4.66
CA ASP A 26 4.26 -1.83 6.11
C ASP A 26 2.86 -1.40 6.51
N GLY A 27 2.34 -0.39 5.82
CA GLY A 27 1.02 0.11 6.13
C GLY A 27 1.09 1.26 7.11
N THR A 28 2.04 2.13 6.85
CA THR A 28 2.27 3.30 7.67
C THR A 28 2.90 4.42 6.85
N GLY A 29 2.34 5.63 6.95
CA GLY A 29 2.88 6.77 6.23
C GLY A 29 2.05 7.15 5.00
N HIS A 30 1.04 6.38 4.69
CA HIS A 30 0.18 6.70 3.55
C HIS A 30 1.01 7.04 2.32
N VAL A 31 0.34 7.57 1.32
CA VAL A 31 0.97 7.94 0.04
C VAL A 31 2.20 8.85 0.18
N THR A 32 2.26 9.74 1.17
CA THR A 32 3.41 10.61 1.28
C THR A 32 3.97 10.67 2.70
N GLY A 33 3.66 9.67 3.51
CA GLY A 33 4.17 9.66 4.87
C GLY A 33 3.57 10.77 5.70
N LEU A 34 2.48 11.36 5.22
CA LEU A 34 1.84 12.45 5.93
C LEU A 34 0.48 12.07 6.46
N TYR A 35 0.12 10.80 6.35
CA TYR A 35 -1.19 10.37 6.85
C TYR A 35 -1.00 9.34 7.96
N PRO A 36 -2.04 9.10 8.76
CA PRO A 36 -1.96 8.12 9.83
C PRO A 36 -1.93 6.70 9.29
N HIS A 37 -1.14 6.49 8.21
CA HIS A 37 -1.02 5.19 7.57
C HIS A 37 -2.06 5.05 6.48
N HIS A 38 -2.09 3.90 5.87
CA HIS A 38 -3.05 3.63 4.81
C HIS A 38 -3.64 2.24 4.95
N ARG A 39 -2.77 1.23 5.01
CA ARG A 39 -3.20 -0.15 5.12
C ARG A 39 -4.41 -0.45 4.24
N SER A 40 -4.58 0.32 3.16
CA SER A 40 -5.73 0.12 2.28
C SER A 40 -5.55 0.76 0.90
N LEU A 41 -4.31 1.09 0.53
CA LEU A 41 -4.04 1.70 -0.79
C LEU A 41 -4.43 3.17 -0.84
N SER A 42 -5.48 3.55 -0.12
CA SER A 42 -5.96 4.94 -0.10
C SER A 42 -4.78 5.91 -0.10
N GLY A 43 -3.68 5.47 0.51
CA GLY A 43 -2.48 6.28 0.56
C GLY A 43 -1.32 5.54 -0.04
N CYS A 44 -0.70 4.72 0.80
CA CYS A 44 0.46 3.91 0.40
C CYS A 44 1.47 4.74 -0.40
N PRO A 45 2.67 4.99 0.17
CA PRO A 45 3.71 5.80 -0.48
C PRO A 45 4.71 4.96 -1.27
N HIS A 46 4.40 3.70 -1.50
CA HIS A 46 5.30 2.83 -2.21
C HIS A 46 4.98 2.83 -3.71
N LYS A 47 3.84 2.26 -4.10
CA LYS A 47 3.40 2.22 -5.48
C LYS A 47 4.47 1.68 -6.43
N ASP A 48 4.88 0.44 -6.22
CA ASP A 48 5.85 -0.18 -7.11
C ASP A 48 5.40 -1.59 -7.46
N ARG A 49 4.12 -1.85 -7.17
CA ARG A 49 3.51 -3.15 -7.44
C ARG A 49 4.44 -4.31 -7.10
N VAL A 50 5.18 -4.17 -6.01
CA VAL A 50 6.08 -5.22 -5.56
C VAL A 50 5.88 -5.52 -4.08
N PRO A 51 6.19 -6.75 -3.65
CA PRO A 51 6.04 -7.19 -2.27
C PRO A 51 6.13 -6.08 -1.23
N PRO A 52 7.12 -5.17 -1.33
CA PRO A 52 7.31 -4.09 -0.37
C PRO A 52 6.74 -2.74 -0.82
N GLU A 53 5.51 -2.73 -1.33
CA GLU A 53 4.89 -1.49 -1.76
C GLU A 53 3.37 -1.51 -1.61
N ILE A 54 2.66 -1.77 -2.70
CA ILE A 54 1.20 -1.83 -2.70
C ILE A 54 0.72 -3.12 -3.36
N LEU A 55 1.67 -3.98 -3.69
CA LEU A 55 1.37 -5.24 -4.37
C LEU A 55 0.36 -6.11 -3.59
N ALA A 56 0.12 -5.78 -2.33
CA ALA A 56 -0.79 -6.54 -1.49
C ALA A 56 -2.07 -6.93 -2.22
N MET A 57 -2.78 -5.94 -2.73
CA MET A 57 -4.03 -6.19 -3.45
C MET A 57 -3.78 -7.02 -4.70
N HIS A 58 -4.35 -8.23 -4.72
CA HIS A 58 -4.19 -9.14 -5.86
C HIS A 58 -5.13 -8.72 -7.00
N GLU A 59 -6.30 -8.21 -6.63
CA GLU A 59 -7.28 -7.79 -7.62
C GLU A 59 -6.73 -6.67 -8.49
N ASN A 60 -6.22 -5.63 -7.84
CA ASN A 60 -5.65 -4.48 -8.54
C ASN A 60 -4.39 -4.00 -7.83
N VAL A 61 -3.24 -4.49 -8.27
CA VAL A 61 -1.96 -4.10 -7.68
C VAL A 61 -1.65 -2.64 -7.97
N LEU A 62 -0.57 -2.14 -7.36
CA LEU A 62 -0.16 -0.75 -7.56
C LEU A 62 -1.24 0.21 -7.06
N LYS A 63 -2.26 0.43 -7.88
CA LYS A 63 -3.35 1.33 -7.51
C LYS A 63 -4.32 0.65 -6.54
ZN ZN B . 0.74 -0.17 1.21
N ARG A 16 -14.75 -1.56 2.65
CA ARG A 16 -14.56 -2.91 3.18
C ARG A 16 -13.49 -3.65 2.38
N GLU A 17 -12.50 -4.20 3.09
CA GLU A 17 -11.42 -4.94 2.46
C GLU A 17 -10.41 -5.42 3.49
N SER A 18 -9.39 -6.15 3.04
CA SER A 18 -8.35 -6.65 3.92
C SER A 18 -7.19 -5.66 4.02
N LYS A 19 -7.46 -4.41 3.67
CA LYS A 19 -6.45 -3.36 3.70
C LYS A 19 -5.32 -3.66 2.73
N CYS A 20 -4.49 -2.66 2.51
CA CYS A 20 -3.36 -2.77 1.59
C CYS A 20 -2.22 -3.63 2.15
N PRO A 21 -1.96 -3.59 3.48
CA PRO A 21 -0.88 -4.36 4.10
C PRO A 21 -0.69 -5.75 3.48
N THR A 22 -0.04 -5.79 2.32
CA THR A 22 0.22 -7.03 1.62
C THR A 22 1.48 -7.69 2.19
N PRO A 23 1.81 -8.92 1.75
CA PRO A 23 3.01 -9.62 2.23
C PRO A 23 4.25 -8.72 2.24
N GLY A 24 4.20 -7.65 1.45
CA GLY A 24 5.32 -6.73 1.39
C GLY A 24 5.04 -5.41 2.07
N CYS A 25 3.99 -4.72 1.62
CA CYS A 25 3.64 -3.43 2.21
C CYS A 25 3.46 -3.51 3.71
N ASP A 26 3.62 -2.37 4.38
CA ASP A 26 3.45 -2.31 5.82
C ASP A 26 2.07 -1.74 6.16
N GLY A 27 1.67 -0.69 5.45
CA GLY A 27 0.39 -0.08 5.69
C GLY A 27 0.43 0.88 6.84
N THR A 28 1.57 1.54 6.97
CA THR A 28 1.78 2.49 8.02
C THR A 28 2.59 3.69 7.52
N GLY A 29 2.20 4.19 6.35
CA GLY A 29 2.91 5.32 5.77
C GLY A 29 2.29 5.77 4.46
N HIS A 30 1.01 6.13 4.50
CA HIS A 30 0.23 6.61 3.33
C HIS A 30 1.07 6.99 2.10
N VAL A 31 0.41 7.59 1.13
CA VAL A 31 1.07 8.00 -0.13
C VAL A 31 2.27 8.93 0.07
N THR A 32 2.26 9.76 1.10
CA THR A 32 3.37 10.65 1.35
C THR A 32 3.80 10.58 2.81
N GLY A 33 3.21 9.65 3.55
CA GLY A 33 3.55 9.50 4.94
C GLY A 33 3.05 10.68 5.74
N LEU A 34 2.19 11.48 5.11
CA LEU A 34 1.62 12.65 5.77
C LEU A 34 0.30 12.27 6.40
N TYR A 35 -0.04 11.00 6.25
CA TYR A 35 -1.28 10.47 6.78
C TYR A 35 -0.96 9.42 7.83
N PRO A 36 -1.87 9.16 8.76
CA PRO A 36 -1.64 8.16 9.79
C PRO A 36 -1.73 6.74 9.22
N HIS A 37 -0.99 6.49 8.13
CA HIS A 37 -0.99 5.19 7.47
C HIS A 37 -2.02 5.20 6.38
N HIS A 38 -2.18 4.06 5.74
CA HIS A 38 -3.20 3.91 4.70
C HIS A 38 -4.00 2.64 4.90
N ARG A 39 -5.31 2.82 5.04
CA ARG A 39 -6.23 1.72 5.29
C ARG A 39 -6.21 0.68 4.17
N SER A 40 -5.90 1.09 2.95
CA SER A 40 -5.86 0.15 1.82
C SER A 40 -5.62 0.84 0.49
N LEU A 41 -4.39 1.31 0.27
CA LEU A 41 -4.03 1.96 -0.99
C LEU A 41 -4.51 3.40 -1.03
N SER A 42 -5.45 3.76 -0.16
CA SER A 42 -5.94 5.14 -0.11
C SER A 42 -4.77 6.10 -0.07
N GLY A 43 -3.62 5.60 0.39
CA GLY A 43 -2.42 6.39 0.46
C GLY A 43 -1.29 5.65 -0.20
N CYS A 44 -0.64 4.79 0.57
CA CYS A 44 0.47 3.97 0.09
C CYS A 44 1.44 4.83 -0.75
N PRO A 45 2.68 5.05 -0.26
CA PRO A 45 3.69 5.85 -0.95
C PRO A 45 4.74 5.02 -1.68
N HIS A 46 4.57 3.72 -1.62
CA HIS A 46 5.53 2.81 -2.20
C HIS A 46 5.41 2.75 -3.73
N LYS A 47 4.61 1.82 -4.26
CA LYS A 47 4.44 1.70 -5.70
C LYS A 47 5.75 1.31 -6.40
N ASP A 48 6.25 0.11 -6.11
CA ASP A 48 7.48 -0.35 -6.76
C ASP A 48 7.32 -1.74 -7.36
N ARG A 49 6.17 -2.37 -7.10
CA ARG A 49 5.89 -3.70 -7.65
C ARG A 49 6.93 -4.74 -7.23
N VAL A 50 6.45 -5.77 -6.52
CA VAL A 50 7.30 -6.89 -6.04
C VAL A 50 7.72 -6.73 -4.57
N PRO A 51 8.65 -5.81 -4.24
CA PRO A 51 9.07 -5.64 -2.86
C PRO A 51 8.01 -4.92 -2.02
N PRO A 52 8.29 -4.70 -0.72
CA PRO A 52 7.35 -4.03 0.17
C PRO A 52 6.87 -2.69 -0.38
N GLU A 53 5.69 -2.67 -1.00
CA GLU A 53 5.14 -1.45 -1.55
C GLU A 53 3.61 -1.45 -1.52
N ILE A 54 2.99 -1.64 -2.66
CA ILE A 54 1.52 -1.66 -2.73
C ILE A 54 1.01 -3.02 -3.21
N LEU A 55 1.93 -3.80 -3.79
CA LEU A 55 1.62 -5.14 -4.30
C LEU A 55 0.20 -5.27 -4.89
N ALA A 56 -0.33 -4.18 -5.44
CA ALA A 56 -1.67 -4.18 -6.03
C ALA A 56 -2.75 -4.67 -5.08
N MET A 57 -2.38 -4.98 -3.84
CA MET A 57 -3.35 -5.46 -2.85
C MET A 57 -3.85 -6.85 -3.18
N HIS A 58 -4.57 -6.98 -4.30
CA HIS A 58 -5.13 -8.25 -4.70
C HIS A 58 -4.44 -8.83 -5.93
N GLU A 59 -4.30 -10.16 -5.94
CA GLU A 59 -3.67 -10.91 -7.03
C GLU A 59 -2.55 -10.14 -7.74
N ASN A 60 -2.88 -9.35 -8.75
CA ASN A 60 -1.90 -8.60 -9.52
C ASN A 60 -0.94 -7.83 -8.61
N VAL A 61 0.14 -7.33 -9.21
CA VAL A 61 1.16 -6.57 -8.51
C VAL A 61 1.41 -5.24 -9.21
N LEU A 62 1.90 -4.24 -8.47
CA LEU A 62 2.18 -2.91 -9.03
C LEU A 62 0.93 -2.03 -9.08
N LYS A 63 -0.17 -2.54 -8.52
CA LYS A 63 -1.44 -1.80 -8.50
C LYS A 63 -1.84 -1.37 -9.92
ZN ZN B . 0.31 -0.12 0.99
N ARG A 16 -13.82 -0.16 5.46
CA ARG A 16 -14.69 -1.00 4.65
C ARG A 16 -13.90 -1.81 3.64
N GLU A 17 -12.97 -1.15 2.95
CA GLU A 17 -12.14 -1.82 1.95
C GLU A 17 -11.10 -2.71 2.63
N SER A 18 -10.58 -3.67 1.87
CA SER A 18 -9.57 -4.58 2.39
C SER A 18 -8.26 -3.85 2.64
N LYS A 19 -7.25 -4.56 3.15
CA LYS A 19 -5.97 -3.95 3.44
C LYS A 19 -5.08 -3.98 2.20
N CYS A 20 -3.84 -3.53 2.40
CA CYS A 20 -2.85 -3.49 1.33
C CYS A 20 -2.48 -4.89 0.86
N PRO A 21 -1.83 -4.98 -0.32
CA PRO A 21 -1.38 -6.24 -0.91
C PRO A 21 -1.14 -7.34 0.09
N THR A 22 -0.09 -7.21 0.87
CA THR A 22 0.23 -8.24 1.85
C THR A 22 1.21 -7.70 2.89
N PRO A 23 1.55 -8.52 3.93
CA PRO A 23 2.49 -8.09 4.97
C PRO A 23 3.72 -7.45 4.36
N GLY A 24 4.05 -7.86 3.14
CA GLY A 24 5.18 -7.31 2.43
C GLY A 24 5.18 -5.80 2.53
N CYS A 25 4.10 -5.17 2.06
CA CYS A 25 4.00 -3.71 2.14
C CYS A 25 4.20 -3.29 3.60
N ASP A 26 4.60 -2.04 3.83
CA ASP A 26 4.84 -1.56 5.18
C ASP A 26 3.55 -1.10 5.84
N GLY A 27 2.70 -0.44 5.06
CA GLY A 27 1.45 0.05 5.61
C GLY A 27 1.70 1.18 6.58
N THR A 28 2.57 2.08 6.17
CA THR A 28 2.93 3.23 6.97
C THR A 28 3.33 4.41 6.09
N GLY A 29 2.79 5.58 6.41
CA GLY A 29 3.11 6.78 5.65
C GLY A 29 2.18 6.99 4.47
N HIS A 30 0.96 6.44 4.56
CA HIS A 30 -0.07 6.58 3.52
C HIS A 30 0.55 6.86 2.14
N VAL A 31 -0.23 7.46 1.26
CA VAL A 31 0.27 7.78 -0.07
C VAL A 31 1.31 8.90 -0.08
N THR A 32 1.17 9.87 0.82
CA THR A 32 2.13 10.98 0.87
C THR A 32 2.69 11.16 2.28
N GLY A 33 2.57 10.12 3.10
CA GLY A 33 3.09 10.20 4.45
C GLY A 33 2.42 11.29 5.25
N LEU A 34 1.31 11.79 4.76
CA LEU A 34 0.58 12.84 5.45
C LEU A 34 -0.54 12.24 6.27
N TYR A 35 -0.63 10.92 6.24
CA TYR A 35 -1.65 10.22 6.97
C TYR A 35 -1.02 9.26 7.97
N PRO A 36 -1.74 8.89 9.04
CA PRO A 36 -1.21 7.99 10.04
C PRO A 36 -1.10 6.56 9.50
N HIS A 37 -0.56 6.41 8.28
CA HIS A 37 -0.43 5.12 7.62
C HIS A 37 -1.61 4.91 6.72
N HIS A 38 -1.70 3.73 6.17
CA HIS A 38 -2.80 3.39 5.29
C HIS A 38 -3.23 1.95 5.56
N ARG A 39 -2.26 1.05 5.59
CA ARG A 39 -2.50 -0.36 5.84
C ARG A 39 -3.72 -0.88 5.09
N SER A 40 -4.11 -0.20 4.01
CA SER A 40 -5.27 -0.63 3.24
C SER A 40 -5.36 -0.02 1.85
N LEU A 41 -4.26 0.54 1.34
CA LEU A 41 -4.25 1.13 0.01
C LEU A 41 -4.91 2.51 0.00
N SER A 42 -5.50 2.91 1.13
CA SER A 42 -6.12 4.22 1.22
C SER A 42 -5.13 5.30 0.83
N GLY A 43 -3.85 4.96 0.95
CA GLY A 43 -2.80 5.89 0.60
C GLY A 43 -1.61 5.16 0.02
N CYS A 44 -0.90 4.47 0.90
CA CYS A 44 0.28 3.69 0.50
C CYS A 44 1.28 4.55 -0.27
N PRO A 45 2.48 4.84 0.30
CA PRO A 45 3.49 5.67 -0.33
C PRO A 45 4.60 4.89 -1.03
N HIS A 46 4.27 3.76 -1.64
CA HIS A 46 5.28 2.96 -2.30
C HIS A 46 5.01 2.81 -3.81
N LYS A 47 4.44 1.66 -4.25
CA LYS A 47 4.18 1.45 -5.66
C LYS A 47 5.47 1.16 -6.40
N ASP A 48 6.05 -0.01 -6.14
CA ASP A 48 7.29 -0.39 -6.79
C ASP A 48 7.25 -1.85 -7.25
N ARG A 49 6.07 -2.44 -7.21
CA ARG A 49 5.89 -3.84 -7.63
C ARG A 49 6.80 -4.78 -6.84
N VAL A 50 6.85 -4.57 -5.55
CA VAL A 50 7.65 -5.40 -4.66
C VAL A 50 6.89 -5.59 -3.35
N PRO A 51 7.12 -6.71 -2.64
CA PRO A 51 6.43 -7.00 -1.39
C PRO A 51 6.15 -5.75 -0.56
N PRO A 52 7.20 -4.99 -0.18
CA PRO A 52 7.04 -3.76 0.62
C PRO A 52 6.61 -2.54 -0.20
N GLU A 53 5.39 -2.57 -0.76
CA GLU A 53 4.90 -1.46 -1.55
C GLU A 53 3.38 -1.51 -1.75
N ILE A 54 2.97 -1.94 -2.92
CA ILE A 54 1.55 -2.06 -3.27
C ILE A 54 1.41 -2.92 -4.52
N LEU A 55 2.36 -3.84 -4.66
CA LEU A 55 2.40 -4.73 -5.82
C LEU A 55 1.03 -5.36 -6.07
N ALA A 56 0.30 -5.59 -4.99
CA ALA A 56 -1.01 -6.16 -5.08
C ALA A 56 -2.07 -5.17 -4.61
N MET A 57 -2.19 -4.07 -5.34
CA MET A 57 -3.16 -3.03 -5.01
C MET A 57 -4.50 -3.31 -5.70
N HIS A 58 -5.58 -2.79 -5.10
CA HIS A 58 -6.92 -2.98 -5.65
C HIS A 58 -6.98 -2.59 -7.12
N GLU A 59 -6.07 -1.72 -7.55
CA GLU A 59 -6.04 -1.27 -8.94
C GLU A 59 -4.69 -1.55 -9.61
N ASN A 60 -4.55 -2.75 -10.15
CA ASN A 60 -3.33 -3.14 -10.85
C ASN A 60 -2.10 -3.14 -9.94
N VAL A 61 -1.07 -3.85 -10.37
CA VAL A 61 0.19 -3.95 -9.63
C VAL A 61 1.16 -2.86 -10.09
N LEU A 62 2.05 -2.42 -9.20
CA LEU A 62 3.02 -1.38 -9.58
C LEU A 62 2.31 -0.08 -9.95
N LYS A 63 2.97 1.05 -9.68
CA LYS A 63 2.41 2.37 -9.99
C LYS A 63 0.89 2.41 -9.85
ZN ZN B . 0.71 -0.30 1.46
N ARG A 16 -12.64 -0.19 8.41
CA ARG A 16 -11.91 -0.61 9.61
C ARG A 16 -10.65 -1.40 9.24
N GLU A 17 -10.86 -2.59 8.68
CA GLU A 17 -9.76 -3.45 8.28
C GLU A 17 -9.02 -2.88 7.07
N SER A 18 -7.75 -3.25 6.92
CA SER A 18 -6.93 -2.77 5.81
C SER A 18 -7.08 -3.66 4.58
N LYS A 19 -6.63 -3.18 3.43
CA LYS A 19 -6.74 -3.95 2.19
C LYS A 19 -5.41 -4.02 1.43
N CYS A 20 -4.56 -3.04 1.62
CA CYS A 20 -3.26 -2.99 0.92
C CYS A 20 -2.19 -3.86 1.57
N PRO A 21 -2.17 -3.97 2.92
CA PRO A 21 -1.16 -4.76 3.62
C PRO A 21 -0.91 -6.12 2.97
N THR A 22 -0.07 -6.10 1.94
CA THR A 22 0.27 -7.31 1.21
C THR A 22 1.51 -7.97 1.85
N PRO A 23 1.89 -9.18 1.40
CA PRO A 23 3.06 -9.88 1.93
C PRO A 23 4.27 -8.97 2.11
N GLY A 24 4.29 -7.87 1.34
CA GLY A 24 5.38 -6.93 1.43
C GLY A 24 5.01 -5.65 2.16
N CYS A 25 4.03 -4.93 1.61
CA CYS A 25 3.59 -3.67 2.20
C CYS A 25 3.28 -3.84 3.69
N ASP A 26 3.30 -2.74 4.43
CA ASP A 26 3.04 -2.80 5.87
C ASP A 26 1.67 -2.20 6.23
N GLY A 27 1.22 -1.23 5.43
CA GLY A 27 -0.05 -0.58 5.72
C GLY A 27 0.14 0.49 6.77
N THR A 28 1.20 1.23 6.57
CA THR A 28 1.59 2.30 7.45
C THR A 28 2.39 3.33 6.65
N GLY A 29 2.01 4.59 6.77
CA GLY A 29 2.71 5.63 6.05
C GLY A 29 2.15 5.84 4.66
N HIS A 30 0.87 6.17 4.59
CA HIS A 30 0.12 6.45 3.34
C HIS A 30 1.02 6.90 2.18
N VAL A 31 0.39 7.41 1.13
CA VAL A 31 1.11 7.86 -0.08
C VAL A 31 2.25 8.84 0.23
N THR A 32 2.11 9.66 1.26
CA THR A 32 3.15 10.61 1.62
C THR A 32 3.47 10.49 3.11
N GLY A 33 2.81 9.56 3.79
CA GLY A 33 3.03 9.38 5.18
C GLY A 33 2.43 10.51 5.98
N LEU A 34 1.58 11.28 5.32
CA LEU A 34 0.92 12.40 5.96
C LEU A 34 -0.44 11.97 6.46
N TYR A 35 -0.71 10.69 6.25
CA TYR A 35 -1.96 10.09 6.66
C TYR A 35 -1.69 9.03 7.73
N PRO A 36 -2.70 8.65 8.52
CA PRO A 36 -2.50 7.64 9.54
C PRO A 36 -2.42 6.24 8.94
N HIS A 37 -1.58 6.08 7.89
CA HIS A 37 -1.43 4.82 7.18
C HIS A 37 -2.42 4.78 6.04
N HIS A 38 -2.45 3.65 5.36
CA HIS A 38 -3.36 3.45 4.25
C HIS A 38 -3.98 2.07 4.35
N ARG A 39 -5.29 1.99 4.16
CA ARG A 39 -5.99 0.73 4.27
C ARG A 39 -6.52 0.24 2.93
N SER A 40 -6.04 0.80 1.83
CA SER A 40 -6.54 0.36 0.53
C SER A 40 -5.80 0.95 -0.66
N LEU A 41 -4.51 1.28 -0.52
CA LEU A 41 -3.74 1.82 -1.64
C LEU A 41 -4.04 3.28 -1.89
N SER A 42 -5.23 3.75 -1.47
CA SER A 42 -5.61 5.15 -1.64
C SER A 42 -4.42 6.05 -1.29
N GLY A 43 -3.56 5.55 -0.41
CA GLY A 43 -2.38 6.26 -0.03
C GLY A 43 -1.17 5.54 -0.53
N CYS A 44 -0.65 4.65 0.31
CA CYS A 44 0.53 3.83 -0.03
C CYS A 44 1.59 4.68 -0.74
N PRO A 45 2.76 4.93 -0.10
CA PRO A 45 3.84 5.74 -0.68
C PRO A 45 4.96 4.92 -1.29
N HIS A 46 4.80 3.61 -1.23
CA HIS A 46 5.83 2.71 -1.72
C HIS A 46 5.89 2.73 -3.26
N LYS A 47 4.94 2.04 -3.90
CA LYS A 47 4.85 1.99 -5.35
C LYS A 47 6.16 1.59 -6.03
N ASP A 48 6.60 0.34 -5.78
CA ASP A 48 7.81 -0.17 -6.42
C ASP A 48 7.52 -1.52 -7.09
N ARG A 49 6.28 -2.01 -6.93
CA ARG A 49 5.88 -3.28 -7.55
C ARG A 49 6.80 -4.45 -7.16
N VAL A 50 6.20 -5.44 -6.48
CA VAL A 50 6.92 -6.67 -6.07
C VAL A 50 7.40 -6.64 -4.61
N PRO A 51 8.29 -5.71 -4.21
CA PRO A 51 8.80 -5.65 -2.84
C PRO A 51 7.80 -4.99 -1.91
N PRO A 52 8.15 -4.86 -0.61
CA PRO A 52 7.26 -4.23 0.37
C PRO A 52 6.83 -2.83 -0.07
N GLU A 53 5.83 -2.77 -0.97
CA GLU A 53 5.35 -1.50 -1.46
C GLU A 53 3.81 -1.47 -1.50
N ILE A 54 3.23 -1.53 -2.68
CA ILE A 54 1.77 -1.53 -2.80
C ILE A 54 1.28 -2.91 -3.21
N LEU A 55 2.19 -3.66 -3.85
CA LEU A 55 1.92 -5.02 -4.31
C LEU A 55 0.53 -5.17 -4.94
N ALA A 56 0.06 -4.11 -5.57
CA ALA A 56 -1.24 -4.12 -6.25
C ALA A 56 -2.36 -4.64 -5.37
N MET A 57 -2.18 -4.62 -4.07
CA MET A 57 -3.19 -5.09 -3.13
C MET A 57 -3.28 -6.62 -3.11
N HIS A 58 -3.51 -7.22 -4.27
CA HIS A 58 -3.63 -8.67 -4.36
C HIS A 58 -3.32 -9.19 -5.76
N GLU A 59 -2.55 -8.41 -6.52
CA GLU A 59 -2.19 -8.80 -7.88
C GLU A 59 -0.68 -8.76 -8.10
N ASN A 60 0.01 -7.94 -7.31
CA ASN A 60 1.46 -7.81 -7.43
C ASN A 60 1.84 -7.21 -8.79
N VAL A 61 1.65 -5.91 -8.93
CA VAL A 61 1.96 -5.21 -10.17
C VAL A 61 1.87 -3.69 -10.02
N LEU A 62 2.14 -3.20 -8.80
CA LEU A 62 2.09 -1.76 -8.54
C LEU A 62 0.69 -1.17 -8.72
N LYS A 63 -0.29 -2.00 -9.04
CA LYS A 63 -1.66 -1.54 -9.24
C LYS A 63 -2.65 -2.24 -8.32
ZN ZN B . 0.44 -0.32 0.71
N ARG A 16 -12.98 -1.64 4.75
CA ARG A 16 -11.91 -2.58 4.43
C ARG A 16 -12.13 -3.15 3.01
N GLU A 17 -12.62 -4.38 2.91
CA GLU A 17 -12.88 -5.01 1.62
C GLU A 17 -11.60 -5.45 0.94
N SER A 18 -10.77 -4.48 0.54
CA SER A 18 -9.51 -4.77 -0.14
C SER A 18 -8.36 -4.03 0.51
N LYS A 19 -7.75 -4.64 1.53
CA LYS A 19 -6.64 -4.04 2.23
C LYS A 19 -5.37 -4.10 1.41
N CYS A 20 -4.33 -3.50 1.96
CA CYS A 20 -3.02 -3.40 1.33
C CYS A 20 -1.94 -4.22 2.05
N PRO A 21 -1.88 -4.20 3.40
CA PRO A 21 -0.85 -4.91 4.16
C PRO A 21 -0.63 -6.34 3.69
N THR A 22 0.33 -6.50 2.78
CA THR A 22 0.67 -7.82 2.26
C THR A 22 2.16 -8.09 2.49
N PRO A 23 2.63 -9.32 2.23
CA PRO A 23 4.04 -9.67 2.41
C PRO A 23 4.98 -8.62 1.83
N GLY A 24 5.34 -7.64 2.66
CA GLY A 24 6.22 -6.59 2.20
C GLY A 24 5.76 -5.20 2.62
N CYS A 25 4.57 -4.80 2.18
CA CYS A 25 4.03 -3.49 2.54
C CYS A 25 4.13 -3.27 4.05
N ASP A 26 4.24 -2.01 4.48
CA ASP A 26 4.38 -1.69 5.89
C ASP A 26 3.07 -1.14 6.47
N GLY A 27 2.44 -0.23 5.74
CA GLY A 27 1.21 0.36 6.22
C GLY A 27 1.46 1.51 7.17
N THR A 28 2.35 2.39 6.74
CA THR A 28 2.72 3.55 7.52
C THR A 28 3.29 4.65 6.62
N GLY A 29 2.64 5.81 6.64
CA GLY A 29 3.08 6.94 5.82
C GLY A 29 2.33 7.05 4.51
N HIS A 30 1.11 6.50 4.49
CA HIS A 30 0.22 6.53 3.31
C HIS A 30 0.96 6.74 1.98
N VAL A 31 0.19 7.04 0.95
CA VAL A 31 0.72 7.28 -0.40
C VAL A 31 1.71 8.46 -0.44
N THR A 32 1.47 9.50 0.34
CA THR A 32 2.34 10.66 0.33
C THR A 32 2.98 10.91 1.70
N GLY A 33 2.75 10.00 2.64
CA GLY A 33 3.29 10.19 3.96
C GLY A 33 2.64 11.38 4.63
N LEU A 34 1.54 11.82 4.05
CA LEU A 34 0.79 12.95 4.59
C LEU A 34 -0.46 12.48 5.27
N TYR A 35 -0.64 11.17 5.33
CA TYR A 35 -1.82 10.62 5.97
C TYR A 35 -1.39 9.81 7.17
N PRO A 36 -2.30 9.54 8.12
CA PRO A 36 -1.98 8.76 9.30
C PRO A 36 -1.79 7.29 8.93
N HIS A 37 -1.00 7.04 7.88
CA HIS A 37 -0.75 5.68 7.41
C HIS A 37 -1.95 5.22 6.62
N HIS A 38 -1.81 4.06 6.04
CA HIS A 38 -2.90 3.45 5.28
C HIS A 38 -3.18 2.08 5.86
N ARG A 39 -2.11 1.34 6.15
CA ARG A 39 -2.21 0.01 6.73
C ARG A 39 -3.35 -0.80 6.11
N SER A 40 -3.74 -0.43 4.88
CA SER A 40 -4.81 -1.10 4.15
C SER A 40 -5.61 -0.14 3.28
N LEU A 41 -4.99 0.93 2.79
CA LEU A 41 -5.72 1.87 1.95
C LEU A 41 -5.02 2.11 0.62
N SER A 42 -5.63 2.96 -0.19
CA SER A 42 -5.08 3.31 -1.49
C SER A 42 -3.87 4.23 -1.33
N GLY A 43 -3.56 4.58 -0.09
CA GLY A 43 -2.43 5.44 0.16
C GLY A 43 -1.14 4.70 -0.08
N CYS A 44 -0.56 4.17 0.98
CA CYS A 44 0.68 3.41 0.88
C CYS A 44 1.86 4.30 0.44
N PRO A 45 2.96 4.33 1.22
CA PRO A 45 4.13 5.17 0.91
C PRO A 45 5.27 4.41 0.24
N HIS A 46 4.97 3.30 -0.41
CA HIS A 46 5.99 2.50 -1.05
C HIS A 46 5.98 2.65 -2.57
N LYS A 47 5.14 1.89 -3.28
CA LYS A 47 5.06 2.00 -4.73
C LYS A 47 6.32 1.42 -5.36
N ASP A 48 6.47 0.10 -5.25
CA ASP A 48 7.63 -0.57 -5.82
C ASP A 48 7.22 -1.52 -6.93
N ARG A 49 5.91 -1.73 -7.09
CA ARG A 49 5.42 -2.62 -8.14
C ARG A 49 5.85 -4.05 -7.88
N VAL A 50 5.83 -4.44 -6.62
CA VAL A 50 6.20 -5.78 -6.18
C VAL A 50 5.58 -6.04 -4.80
N PRO A 51 5.64 -7.28 -4.30
CA PRO A 51 5.06 -7.62 -3.00
C PRO A 51 5.31 -6.58 -1.90
N PRO A 52 6.54 -6.07 -1.75
CA PRO A 52 6.89 -5.10 -0.71
C PRO A 52 6.64 -3.63 -1.09
N GLU A 53 5.40 -3.18 -0.91
CA GLU A 53 5.03 -1.80 -1.20
C GLU A 53 3.52 -1.61 -1.09
N ILE A 54 2.85 -1.60 -2.23
CA ILE A 54 1.41 -1.45 -2.31
C ILE A 54 0.81 -2.64 -3.04
N LEU A 55 1.69 -3.47 -3.61
CA LEU A 55 1.29 -4.65 -4.36
C LEU A 55 0.02 -4.42 -5.19
N ALA A 56 -0.14 -3.18 -5.68
CA ALA A 56 -1.31 -2.81 -6.48
C ALA A 56 -2.54 -2.54 -5.61
N MET A 57 -2.63 -3.22 -4.47
CA MET A 57 -3.77 -3.05 -3.56
C MET A 57 -4.97 -3.84 -4.07
N HIS A 58 -5.59 -3.35 -5.14
CA HIS A 58 -6.73 -4.04 -5.73
C HIS A 58 -6.37 -4.63 -7.08
N GLU A 59 -5.10 -5.00 -7.23
CA GLU A 59 -4.61 -5.58 -8.47
C GLU A 59 -3.52 -6.62 -8.19
N ASN A 60 -3.07 -7.29 -9.23
CA ASN A 60 -2.03 -8.30 -9.08
C ASN A 60 -0.65 -7.66 -9.01
N VAL A 61 -0.29 -7.17 -7.83
CA VAL A 61 1.00 -6.51 -7.63
C VAL A 61 1.16 -5.35 -8.61
N LEU A 62 2.14 -4.48 -8.37
CA LEU A 62 2.39 -3.33 -9.23
C LEU A 62 1.06 -2.66 -9.63
N LYS A 63 0.76 -2.62 -10.93
CA LYS A 63 -0.48 -2.01 -11.40
C LYS A 63 -0.93 -2.64 -12.72
ZN ZN B . 0.49 -0.65 1.49
N ARG A 16 -12.37 -2.49 7.73
CA ARG A 16 -12.64 -3.23 6.50
C ARG A 16 -11.93 -4.58 6.51
N GLU A 17 -12.48 -5.54 5.77
CA GLU A 17 -11.90 -6.87 5.69
C GLU A 17 -10.47 -6.83 5.16
N SER A 18 -10.32 -6.83 3.83
CA SER A 18 -9.01 -6.80 3.20
C SER A 18 -8.48 -5.37 3.09
N LYS A 19 -7.15 -5.24 3.08
CA LYS A 19 -6.51 -3.93 2.98
C LYS A 19 -5.27 -4.02 2.09
N CYS A 20 -4.53 -2.92 2.03
CA CYS A 20 -3.32 -2.86 1.23
C CYS A 20 -2.14 -3.50 1.95
N PRO A 21 -1.94 -3.20 3.26
CA PRO A 21 -0.83 -3.78 4.02
C PRO A 21 -0.77 -5.29 3.89
N THR A 22 -0.40 -5.74 2.70
CA THR A 22 -0.32 -7.14 2.40
C THR A 22 1.13 -7.58 2.50
N PRO A 23 1.44 -8.88 2.35
CA PRO A 23 2.83 -9.36 2.40
C PRO A 23 3.73 -8.48 1.54
N GLY A 24 3.12 -7.78 0.58
CA GLY A 24 3.86 -6.89 -0.30
C GLY A 24 3.76 -5.43 0.10
N CYS A 25 3.39 -5.16 1.36
CA CYS A 25 3.27 -3.80 1.86
C CYS A 25 3.24 -3.78 3.40
N ASP A 26 3.57 -2.61 3.97
CA ASP A 26 3.55 -2.45 5.42
C ASP A 26 2.23 -1.81 5.84
N GLY A 27 1.83 -0.76 5.10
CA GLY A 27 0.58 -0.08 5.40
C GLY A 27 0.69 0.86 6.57
N THR A 28 1.81 1.54 6.64
CA THR A 28 2.07 2.47 7.71
C THR A 28 2.89 3.67 7.22
N GLY A 29 2.48 4.24 6.09
CA GLY A 29 3.19 5.37 5.54
C GLY A 29 2.53 5.92 4.28
N HIS A 30 1.22 6.12 4.34
CA HIS A 30 0.40 6.66 3.23
C HIS A 30 1.18 7.11 2.00
N VAL A 31 0.45 7.60 1.00
CA VAL A 31 1.06 8.06 -0.26
C VAL A 31 2.15 9.11 -0.09
N THR A 32 2.12 9.86 1.00
CA THR A 32 3.13 10.88 1.26
C THR A 32 3.74 10.64 2.63
N GLY A 33 3.23 9.66 3.35
CA GLY A 33 3.71 9.40 4.68
C GLY A 33 3.31 10.52 5.59
N LEU A 34 2.40 11.35 5.11
CA LEU A 34 1.91 12.48 5.87
C LEU A 34 0.58 12.13 6.49
N TYR A 35 0.18 10.88 6.28
CA TYR A 35 -1.07 10.38 6.81
C TYR A 35 -0.77 9.31 7.85
N PRO A 36 -1.69 9.05 8.79
CA PRO A 36 -1.47 8.03 9.81
C PRO A 36 -1.56 6.63 9.20
N HIS A 37 -0.81 6.40 8.11
CA HIS A 37 -0.81 5.13 7.40
C HIS A 37 -1.87 5.17 6.34
N HIS A 38 -2.05 4.06 5.67
CA HIS A 38 -3.07 3.96 4.64
C HIS A 38 -3.93 2.73 4.84
N ARG A 39 -5.23 2.96 5.04
CA ARG A 39 -6.18 1.89 5.28
C ARG A 39 -6.09 0.81 4.22
N SER A 40 -5.73 1.20 2.99
CA SER A 40 -5.61 0.25 1.89
C SER A 40 -5.63 0.96 0.54
N LEU A 41 -4.46 1.34 0.03
CA LEU A 41 -4.37 2.00 -1.28
C LEU A 41 -4.76 3.48 -1.18
N SER A 42 -5.60 3.83 -0.20
CA SER A 42 -6.02 5.21 -0.01
C SER A 42 -4.80 6.13 0.02
N GLY A 43 -3.65 5.56 0.35
CA GLY A 43 -2.43 6.33 0.40
C GLY A 43 -1.31 5.59 -0.29
N CYS A 44 -0.63 4.75 0.48
CA CYS A 44 0.49 3.95 -0.03
C CYS A 44 1.42 4.78 -0.95
N PRO A 45 2.65 5.11 -0.50
CA PRO A 45 3.62 5.91 -1.26
C PRO A 45 4.71 5.06 -1.90
N HIS A 46 4.67 3.78 -1.65
CA HIS A 46 5.69 2.86 -2.12
C HIS A 46 5.74 2.78 -3.65
N LYS A 47 4.83 2.00 -4.23
CA LYS A 47 4.74 1.80 -5.68
C LYS A 47 6.04 1.25 -6.29
N ASP A 48 6.50 0.10 -5.78
CA ASP A 48 7.72 -0.52 -6.31
C ASP A 48 7.42 -1.92 -6.87
N ARG A 49 6.22 -2.42 -6.58
CA ARG A 49 5.77 -3.73 -7.04
C ARG A 49 6.81 -4.84 -6.85
N VAL A 50 7.38 -4.94 -5.64
CA VAL A 50 8.36 -5.99 -5.34
C VAL A 50 8.47 -6.19 -3.82
N PRO A 51 8.83 -5.13 -3.07
CA PRO A 51 8.95 -5.16 -1.63
C PRO A 51 7.69 -4.63 -0.97
N PRO A 52 7.66 -4.43 0.36
CA PRO A 52 6.47 -3.90 1.02
C PRO A 52 6.04 -2.57 0.42
N GLU A 53 5.36 -2.63 -0.73
CA GLU A 53 4.93 -1.44 -1.44
C GLU A 53 3.41 -1.44 -1.68
N ILE A 54 2.99 -1.65 -2.92
CA ILE A 54 1.57 -1.68 -3.27
C ILE A 54 1.31 -2.77 -4.30
N LEU A 55 2.29 -3.66 -4.49
CA LEU A 55 2.17 -4.75 -5.46
C LEU A 55 0.83 -5.45 -5.34
N ALA A 56 0.35 -5.54 -4.12
CA ALA A 56 -0.92 -6.18 -3.83
C ALA A 56 -2.06 -5.16 -3.85
N MET A 57 -2.06 -4.29 -4.87
CA MET A 57 -3.10 -3.28 -5.00
C MET A 57 -4.45 -3.93 -5.25
N HIS A 58 -4.65 -4.43 -6.46
CA HIS A 58 -5.89 -5.08 -6.85
C HIS A 58 -5.76 -5.69 -8.23
N GLU A 59 -5.66 -4.83 -9.25
CA GLU A 59 -5.52 -5.28 -10.62
C GLU A 59 -4.24 -4.75 -11.26
N ASN A 60 -3.77 -3.59 -10.78
CA ASN A 60 -2.55 -2.99 -11.32
C ASN A 60 -1.36 -3.29 -10.42
N VAL A 61 -0.24 -2.63 -10.70
CA VAL A 61 0.99 -2.80 -9.94
C VAL A 61 1.70 -1.47 -9.73
N LEU A 62 2.48 -1.36 -8.65
CA LEU A 62 3.21 -0.13 -8.33
C LEU A 62 2.43 1.12 -8.75
N LYS A 63 1.53 1.56 -7.88
CA LYS A 63 0.70 2.72 -8.14
C LYS A 63 -0.27 2.46 -9.29
ZN ZN B . 0.18 -0.21 0.90
N ARG A 16 -14.75 2.67 0.45
CA ARG A 16 -15.10 1.32 0.87
C ARG A 16 -14.37 0.29 0.01
N GLU A 17 -13.33 -0.32 0.57
CA GLU A 17 -12.56 -1.33 -0.14
C GLU A 17 -11.81 -2.23 0.84
N SER A 18 -10.92 -3.08 0.31
CA SER A 18 -10.15 -3.98 1.14
C SER A 18 -8.91 -3.28 1.68
N LYS A 19 -8.24 -3.91 2.65
CA LYS A 19 -7.04 -3.34 3.24
C LYS A 19 -5.85 -3.54 2.32
N CYS A 20 -4.68 -3.15 2.81
CA CYS A 20 -3.44 -3.27 2.03
C CYS A 20 -2.39 -4.19 2.66
N PRO A 21 -2.78 -5.20 3.45
CA PRO A 21 -1.80 -6.10 4.06
C PRO A 21 -1.03 -6.89 3.01
N THR A 22 -0.16 -6.22 2.26
CA THR A 22 0.63 -6.90 1.25
C THR A 22 1.81 -7.60 1.92
N PRO A 23 2.09 -8.86 1.53
CA PRO A 23 3.21 -9.61 2.10
C PRO A 23 4.46 -8.74 2.24
N GLY A 24 4.55 -7.72 1.39
CA GLY A 24 5.68 -6.83 1.43
C GLY A 24 5.34 -5.49 2.08
N CYS A 25 4.26 -4.84 1.64
CA CYS A 25 3.87 -3.53 2.18
C CYS A 25 4.02 -3.50 3.70
N ASP A 26 4.21 -2.30 4.26
CA ASP A 26 4.37 -2.17 5.70
C ASP A 26 3.09 -1.68 6.37
N GLY A 27 2.34 -0.83 5.68
CA GLY A 27 1.12 -0.28 6.25
C GLY A 27 1.45 0.86 7.18
N THR A 28 2.43 1.62 6.76
CA THR A 28 2.92 2.76 7.49
C THR A 28 3.66 3.68 6.53
N GLY A 29 2.92 4.20 5.56
CA GLY A 29 3.50 5.06 4.56
C GLY A 29 2.48 5.50 3.53
N HIS A 30 1.37 6.06 4.02
CA HIS A 30 0.28 6.53 3.18
C HIS A 30 0.76 7.15 1.88
N VAL A 31 -0.19 7.52 1.05
CA VAL A 31 0.10 8.09 -0.26
C VAL A 31 1.17 9.19 -0.23
N THR A 32 1.27 9.93 0.87
CA THR A 32 2.25 10.98 1.00
C THR A 32 3.07 10.78 2.27
N GLY A 33 2.71 9.75 3.04
CA GLY A 33 3.40 9.50 4.28
C GLY A 33 3.09 10.61 5.26
N LEU A 34 2.06 11.37 4.93
CA LEU A 34 1.61 12.47 5.76
C LEU A 34 0.41 12.04 6.56
N TYR A 35 0.09 10.76 6.41
CA TYR A 35 -1.04 10.17 7.11
C TYR A 35 -0.52 9.18 8.15
N PRO A 36 -1.32 8.84 9.16
CA PRO A 36 -0.90 7.88 10.16
C PRO A 36 -0.90 6.46 9.60
N HIS A 37 -0.28 6.29 8.41
CA HIS A 37 -0.23 5.00 7.75
C HIS A 37 -1.45 4.87 6.86
N HIS A 38 -1.62 3.72 6.28
CA HIS A 38 -2.77 3.46 5.42
C HIS A 38 -3.31 2.06 5.68
N ARG A 39 -2.41 1.08 5.62
CA ARG A 39 -2.76 -0.31 5.84
C ARG A 39 -4.08 -0.70 5.15
N SER A 40 -4.52 0.07 4.15
CA SER A 40 -5.78 -0.24 3.48
C SER A 40 -5.92 0.42 2.11
N LEU A 41 -4.82 0.87 1.51
CA LEU A 41 -4.87 1.50 0.20
C LEU A 41 -5.50 2.88 0.27
N SER A 42 -5.80 3.35 1.47
CA SER A 42 -6.36 4.68 1.65
C SER A 42 -5.33 5.73 1.27
N GLY A 43 -4.12 5.28 0.96
CA GLY A 43 -3.04 6.16 0.58
C GLY A 43 -2.03 5.40 -0.24
N CYS A 44 -1.29 4.55 0.46
CA CYS A 44 -0.26 3.68 -0.16
C CYS A 44 0.23 4.18 -1.53
N PRO A 45 1.31 4.99 -1.57
CA PRO A 45 1.92 5.52 -2.78
C PRO A 45 3.22 4.82 -3.13
N HIS A 46 3.54 3.79 -2.36
CA HIS A 46 4.79 3.06 -2.53
C HIS A 46 5.17 2.89 -4.00
N LYS A 47 4.39 2.10 -4.75
CA LYS A 47 4.65 1.87 -6.16
C LYS A 47 6.08 1.35 -6.38
N ASP A 48 6.35 0.12 -5.94
CA ASP A 48 7.66 -0.47 -6.09
C ASP A 48 7.55 -1.84 -6.75
N ARG A 49 6.31 -2.32 -6.90
CA ARG A 49 6.03 -3.61 -7.53
C ARG A 49 6.93 -4.74 -7.04
N VAL A 50 7.32 -4.69 -5.77
CA VAL A 50 8.15 -5.74 -5.17
C VAL A 50 8.28 -5.55 -3.66
N PRO A 51 9.10 -4.59 -3.18
CA PRO A 51 9.28 -4.35 -1.75
C PRO A 51 8.01 -3.79 -1.11
N PRO A 52 8.01 -3.56 0.22
CA PRO A 52 6.85 -3.02 0.92
C PRO A 52 6.18 -1.91 0.12
N GLU A 53 5.08 -2.24 -0.55
CA GLU A 53 4.41 -1.27 -1.36
C GLU A 53 2.88 -1.53 -1.44
N ILE A 54 2.44 -1.93 -2.63
CA ILE A 54 1.04 -2.22 -2.92
C ILE A 54 0.97 -3.35 -3.94
N LEU A 55 2.13 -3.98 -4.19
CA LEU A 55 2.24 -5.06 -5.19
C LEU A 55 1.27 -6.22 -4.94
N ALA A 56 0.64 -6.27 -3.77
CA ALA A 56 -0.28 -7.34 -3.47
C ALA A 56 -1.62 -6.82 -2.96
N MET A 57 -2.28 -6.01 -3.77
CA MET A 57 -3.58 -5.45 -3.40
C MET A 57 -4.17 -4.60 -4.52
N HIS A 58 -5.44 -4.85 -4.83
CA HIS A 58 -6.14 -4.10 -5.87
C HIS A 58 -5.49 -4.34 -7.23
N GLU A 59 -6.31 -4.46 -8.26
CA GLU A 59 -5.82 -4.68 -9.62
C GLU A 59 -4.70 -3.69 -9.96
N ASN A 60 -4.76 -2.52 -9.35
CA ASN A 60 -3.74 -1.49 -9.57
C ASN A 60 -2.46 -1.83 -8.82
N VAL A 61 -1.84 -2.94 -9.20
CA VAL A 61 -0.60 -3.38 -8.57
C VAL A 61 0.60 -3.10 -9.46
N LEU A 62 1.78 -3.08 -8.86
CA LEU A 62 3.02 -2.83 -9.60
C LEU A 62 3.04 -1.40 -10.15
N LYS A 63 2.16 -1.13 -11.10
CA LYS A 63 2.08 0.20 -11.71
C LYS A 63 0.69 0.80 -11.55
ZN ZN B . 0.22 -0.47 1.35
#